data_3PRO
#
_entry.id   3PRO
#
_cell.length_a   61.150
_cell.length_b   101.000
_cell.length_c   72.140
_cell.angle_alpha   90.00
_cell.angle_beta   109.55
_cell.angle_gamma   90.00
#
_symmetry.space_group_name_H-M   'P 1 21 1'
#
loop_
_entity.id
_entity.type
_entity.pdbx_description
1 polymer 'ALPHA-LYTIC PROTEASE'
2 polymer 'ALPHA-LYTIC PROTEASE'
3 non-polymer '4-(2-AMINOETHYL)BENZENESULFONYL FLUORIDE'
4 water water
#
loop_
_entity_poly.entity_id
_entity_poly.type
_entity_poly.pdbx_seq_one_letter_code
_entity_poly.pdbx_strand_id
1 'polypeptide(L)'
;ANIVGGIEYSINNASLCSVGFSVTRGATKGFVTAGHCGTVNATARIGGAVVGTFAARVFPGNDRAWVSLTSAQTLLPRVA
NGSSFVTVRGSTEAAVGAAVCRSGRTTGYQCGTITAKNVTANYAEGAVRGLTQGNACMGRGDSGGSWITSAGQAQGVASG
GNVQSNGNNCGIPASQRSSLFERLQPILSQYGLSLVTG
;
A,B
2 'polypeptide(L)'
;ADQVDPQLKFAMQRDLGIFPTQLPQYLQTEKLARTQAAAIEREFGAQFAGSWIERNEDGSFKLVAATSGARKSSTLGGVE
VRNVRYSLKQLQSAMEQLDAGANARVKGVSKPLDGVQSWYVDPRSNAVVVKVDDGATDAGVDFVALSGADSAQVRIESSP
GKLQTT
;
C,D
#
# COMPACT_ATOMS: atom_id res chain seq x y z
N ALA A 1 -23.10 -39.55 27.25
CA ALA A 1 -23.98 -38.35 27.15
C ALA A 1 -24.40 -38.10 25.71
N ASN A 2 -25.42 -37.26 25.53
CA ASN A 2 -25.92 -36.93 24.20
C ASN A 2 -25.07 -35.78 23.67
N ILE A 3 -24.34 -36.04 22.59
CA ILE A 3 -23.47 -35.03 21.98
C ILE A 3 -24.30 -34.18 21.02
N VAL A 4 -24.57 -32.94 21.44
CA VAL A 4 -25.35 -32.00 20.65
C VAL A 4 -24.61 -30.67 20.56
N GLY A 5 -24.70 -30.02 19.42
CA GLY A 5 -24.02 -28.75 19.26
C GLY A 5 -24.57 -27.67 20.19
N GLY A 6 -23.69 -26.88 20.76
CA GLY A 6 -24.13 -25.80 21.63
C GLY A 6 -24.17 -26.09 23.12
N ILE A 7 -24.04 -27.35 23.51
CA ILE A 7 -24.10 -27.69 24.93
C ILE A 7 -22.75 -27.48 25.63
N GLU A 8 -22.83 -27.24 26.93
CA GLU A 8 -21.64 -27.00 27.72
C GLU A 8 -20.83 -28.25 28.03
N TYR A 9 -19.52 -28.10 28.05
CA TYR A 9 -18.60 -29.16 28.42
C TYR A 9 -17.44 -28.45 29.11
N SER A 10 -16.80 -29.13 30.05
CA SER A 10 -15.69 -28.53 30.78
C SER A 10 -14.37 -29.16 30.33
N ILE A 11 -13.28 -28.42 30.52
CA ILE A 11 -11.96 -28.91 30.15
C ILE A 11 -11.04 -28.95 31.38
N ASN A 12 -10.57 -30.16 31.70
CA ASN A 12 -9.69 -30.37 32.84
C ASN A 12 -10.27 -29.79 34.12
N ASN A 13 -11.59 -29.81 34.24
CA ASN A 13 -12.28 -29.29 35.41
C ASN A 13 -11.84 -27.86 35.72
N ALA A 14 -11.43 -27.12 34.69
CA ALA A 14 -10.96 -25.76 34.90
C ALA A 14 -11.67 -24.70 34.07
N SER A 15 -11.96 -25.01 32.81
CA SER A 15 -12.62 -24.06 31.92
C SER A 15 -13.87 -24.61 31.26
N LEU A 16 -14.64 -23.72 30.66
CA LEU A 16 -15.88 -24.09 29.98
C LEU A 16 -15.88 -23.68 28.52
N CYS A 17 -16.58 -24.46 27.70
CA CYS A 17 -16.71 -24.18 26.28
C CYS A 17 -18.00 -24.85 25.82
N SER A 18 -18.30 -24.74 24.53
CA SER A 18 -19.51 -25.32 23.97
C SER A 18 -19.16 -26.30 22.85
N VAL A 19 -19.94 -27.37 22.76
CA VAL A 19 -19.73 -28.37 21.72
C VAL A 19 -20.03 -27.76 20.35
N GLY A 20 -19.19 -28.10 19.35
CA GLY A 20 -19.40 -27.59 18.00
C GLY A 20 -20.37 -28.48 17.24
N PHE A 21 -19.88 -29.64 16.79
CA PHE A 21 -20.71 -30.58 16.04
C PHE A 21 -20.25 -32.01 16.27
N SER A 22 -21.20 -32.93 16.21
CA SER A 22 -20.89 -34.35 16.34
C SER A 22 -20.24 -34.76 15.02
N VAL A 23 -19.16 -35.52 15.11
CA VAL A 23 -18.45 -36.00 13.94
C VAL A 23 -17.91 -37.39 14.19
N THR A 24 -17.41 -38.03 13.14
CA THR A 24 -16.84 -39.36 13.25
C THR A 24 -15.53 -39.40 12.48
N ARG A 25 -14.64 -40.29 12.89
CA ARG A 25 -13.38 -40.51 12.20
C ARG A 25 -13.36 -42.02 12.10
N GLY A 26 -14.05 -42.53 11.08
CA GLY A 26 -14.15 -43.97 10.93
C GLY A 26 -15.10 -44.41 12.03
N ALA A 27 -14.68 -45.36 12.84
CA ALA A 27 -15.51 -45.86 13.93
C ALA A 27 -15.42 -44.96 15.17
N THR A 28 -14.43 -44.08 15.20
CA THR A 28 -14.24 -43.20 16.35
C THR A 28 -15.24 -42.05 16.39
N LYS A 29 -15.85 -41.86 17.56
CA LYS A 29 -16.82 -40.79 17.75
C LYS A 29 -16.09 -39.56 18.27
N GLY A 30 -16.65 -38.38 18.00
CA GLY A 30 -16.01 -37.17 18.49
C GLY A 30 -16.85 -35.94 18.19
N PHE A 31 -16.32 -34.78 18.55
CA PHE A 31 -16.99 -33.53 18.23
C PHE A 31 -15.93 -32.47 17.98
N VAL A 32 -16.23 -31.53 17.10
CA VAL A 32 -15.27 -30.47 16.80
C VAL A 32 -15.61 -29.29 17.69
N THR A 33 -14.62 -28.45 17.95
CA THR A 33 -14.80 -27.30 18.82
C THR A 33 -13.63 -26.36 18.54
N ALA A 34 -13.46 -25.31 19.36
CA ALA A 34 -12.38 -24.37 19.15
C ALA A 34 -11.05 -24.84 19.71
N GLY A 35 -9.97 -24.51 19.03
CA GLY A 35 -8.65 -24.92 19.48
C GLY A 35 -8.28 -24.30 20.83
N HIS A 36 -8.67 -23.05 21.05
CA HIS A 36 -8.34 -22.38 22.30
C HIS A 36 -9.02 -22.98 23.53
N CYS A 37 -9.99 -23.87 23.30
CA CYS A 37 -10.71 -24.51 24.41
C CYS A 37 -9.89 -25.55 25.17
N GLY A 38 -8.92 -26.17 24.50
CA GLY A 38 -8.12 -27.17 25.20
C GLY A 38 -6.88 -27.62 24.46
N THR A 39 -5.92 -28.13 25.23
CA THR A 39 -4.67 -28.62 24.67
C THR A 39 -4.81 -30.13 24.44
N VAL A 40 -3.94 -30.69 23.61
CA VAL A 40 -4.01 -32.13 23.33
C VAL A 40 -3.97 -32.91 24.63
N ASN A 41 -4.85 -33.92 24.73
CA ASN A 41 -4.96 -34.79 25.89
C ASN A 41 -5.79 -34.21 27.05
N ALA A 42 -6.19 -32.95 26.94
CA ALA A 42 -7.01 -32.34 27.98
C ALA A 42 -8.28 -33.17 28.05
N THR A 43 -8.84 -33.32 29.25
CA THR A 43 -10.05 -34.12 29.43
C THR A 43 -11.35 -33.34 29.34
N ALA A 44 -12.27 -33.83 28.52
CA ALA A 44 -13.57 -33.18 28.34
C ALA A 44 -14.64 -33.89 29.15
N ARG A 45 -15.43 -33.11 29.87
CA ARG A 45 -16.50 -33.67 30.68
C ARG A 45 -17.82 -32.98 30.39
N ILE A 46 -18.90 -33.76 30.43
CA ILE A 46 -20.24 -33.23 30.21
C ILE A 46 -21.08 -33.75 31.37
N GLY A 47 -21.69 -32.84 32.13
CA GLY A 47 -22.48 -33.25 33.26
C GLY A 47 -21.62 -33.84 34.36
N GLY A 48 -20.34 -33.49 34.35
CA GLY A 48 -19.41 -33.98 35.36
C GLY A 48 -18.74 -35.29 34.99
N ALA A 49 -19.25 -35.96 33.96
CA ALA A 49 -18.68 -37.23 33.53
C ALA A 49 -17.73 -37.08 32.36
N VAL A 50 -16.62 -37.81 32.40
CA VAL A 50 -15.63 -37.78 31.33
C VAL A 50 -16.27 -38.35 30.06
N VAL A 51 -16.17 -37.62 28.95
CA VAL A 51 -16.73 -38.10 27.70
C VAL A 51 -15.66 -38.32 26.63
N GLY A 52 -14.51 -37.69 26.81
CA GLY A 52 -13.42 -37.86 25.85
C GLY A 52 -12.22 -36.97 26.16
N THR A 53 -11.28 -36.93 25.22
CA THR A 53 -10.10 -36.11 25.40
C THR A 53 -9.76 -35.39 24.11
N PHE A 54 -9.08 -34.25 24.23
CA PHE A 54 -8.69 -33.50 23.04
C PHE A 54 -7.69 -34.33 22.25
N ALA A 55 -8.08 -34.70 21.04
CA ALA A 55 -7.23 -35.51 20.17
C ALA A 55 -6.20 -34.68 19.42
N ALA A 56 -6.63 -33.50 18.99
CA ALA A 56 -5.76 -32.61 18.24
C ALA A 56 -6.30 -31.19 18.31
N ARG A 57 -5.42 -30.22 18.10
CA ARG A 57 -5.82 -28.82 18.14
C ARG A 57 -4.77 -27.92 17.53
N VAL A 58 -5.21 -26.77 17.05
CA VAL A 58 -4.32 -25.76 16.49
C VAL A 58 -4.82 -24.41 16.98
N PHE A 59 -3.95 -23.70 17.70
CA PHE A 59 -4.26 -22.37 18.21
C PHE A 59 -3.00 -21.77 18.82
N PRO A 60 -2.62 -20.56 18.40
CA PRO A 60 -3.27 -19.70 17.40
C PRO A 60 -2.98 -20.13 15.96
N GLY A 61 -2.96 -19.15 15.04
CA GLY A 61 -2.74 -19.47 13.63
C GLY A 61 -4.11 -19.81 13.09
N ASN A 62 -4.65 -20.92 13.61
CA ASN A 62 -6.00 -21.35 13.28
C ASN A 62 -6.62 -21.42 14.68
N ASP A 63 -7.85 -21.92 14.78
CA ASP A 63 -8.49 -22.06 16.09
C ASP A 63 -9.45 -23.21 15.95
N ARG A 64 -8.90 -24.43 15.98
CA ARG A 64 -9.70 -25.63 15.81
C ARG A 64 -9.22 -26.77 16.69
N ALA A 65 -10.11 -27.72 16.91
CA ALA A 65 -9.81 -28.89 17.72
C ALA A 65 -10.94 -29.89 17.58
N TRP A 66 -10.65 -31.13 17.97
CA TRP A 66 -11.67 -32.15 17.98
C TRP A 66 -11.38 -33.05 19.16
N VAL A 67 -12.45 -33.48 19.80
CA VAL A 67 -12.37 -34.33 20.98
C VAL A 67 -12.79 -35.74 20.61
N SER A 68 -11.91 -36.70 20.87
CA SER A 68 -12.18 -38.09 20.58
C SER A 68 -12.97 -38.61 21.77
N LEU A 69 -14.15 -39.16 21.51
CA LEU A 69 -15.03 -39.63 22.57
C LEU A 69 -15.05 -41.14 22.78
N THR A 70 -15.55 -41.57 23.93
CA THR A 70 -15.64 -42.99 24.22
C THR A 70 -16.83 -43.54 23.45
N SER A 71 -16.79 -44.83 23.12
CA SER A 71 -17.86 -45.45 22.36
C SER A 71 -19.22 -45.36 23.04
N ALA A 72 -19.23 -44.99 24.31
CA ALA A 72 -20.48 -44.89 25.08
C ALA A 72 -21.26 -43.62 24.78
N GLN A 73 -20.60 -42.60 24.25
CA GLN A 73 -21.26 -41.35 23.94
C GLN A 73 -22.26 -41.53 22.79
N THR A 74 -23.31 -40.72 22.79
CA THR A 74 -24.34 -40.78 21.76
C THR A 74 -24.29 -39.56 20.84
N LEU A 75 -23.82 -39.77 19.62
CA LEU A 75 -23.73 -38.69 18.65
C LEU A 75 -25.08 -38.39 18.01
N LEU A 76 -25.45 -37.12 17.99
CA LEU A 76 -26.70 -36.70 17.39
C LEU A 76 -26.43 -35.56 16.40
N PRO A 77 -27.12 -35.56 15.25
CA PRO A 77 -26.94 -34.52 14.24
C PRO A 77 -27.79 -33.32 14.58
N ARG A 78 -27.49 -32.68 15.71
CA ARG A 78 -28.26 -31.53 16.14
C ARG A 78 -27.44 -30.41 16.76
N VAL A 79 -28.10 -29.26 16.88
CA VAL A 79 -27.55 -28.07 17.49
C VAL A 79 -28.70 -27.61 18.38
N ALA A 80 -28.40 -27.38 19.65
CA ALA A 80 -29.42 -26.96 20.60
C ALA A 80 -30.02 -25.60 20.25
N ASN A 81 -31.32 -25.47 20.47
CA ASN A 81 -32.04 -24.22 20.22
C ASN A 81 -33.19 -24.19 21.20
N GLY A 82 -32.98 -23.58 22.35
CA GLY A 82 -34.03 -23.54 23.35
C GLY A 82 -34.37 -24.96 23.74
N SER A 83 -35.65 -25.25 23.90
CA SER A 83 -36.09 -26.59 24.27
C SER A 83 -36.07 -27.55 23.07
N SER A 84 -35.88 -26.99 21.88
CA SER A 84 -35.84 -27.79 20.66
C SER A 84 -34.41 -27.91 20.14
N PHE A 85 -34.27 -28.06 18.82
CA PHE A 85 -32.96 -28.19 18.20
C PHE A 85 -33.03 -28.03 16.69
N VAL A 86 -31.89 -27.78 16.08
CA VAL A 86 -31.81 -27.63 14.63
C VAL A 86 -31.10 -28.88 14.12
N THR A 87 -31.66 -29.52 13.10
CA THR A 87 -31.04 -30.71 12.55
C THR A 87 -29.90 -30.32 11.62
N VAL A 88 -28.76 -30.97 11.79
CA VAL A 88 -27.58 -30.72 10.96
C VAL A 88 -27.74 -31.52 9.67
N ARG A 89 -27.89 -30.81 8.54
CA ARG A 89 -28.11 -31.47 7.26
C ARG A 89 -26.89 -31.52 6.34
N GLY A 90 -25.90 -30.68 6.62
CA GLY A 90 -24.70 -30.67 5.78
C GLY A 90 -23.74 -29.58 6.21
N SER A 91 -22.73 -29.32 5.39
CA SER A 91 -21.75 -28.30 5.71
C SER A 91 -21.48 -27.33 4.56
N THR A 92 -22.51 -27.03 3.79
CA THR A 92 -22.34 -26.11 2.66
C THR A 92 -22.16 -24.68 3.17
N GLU A 93 -21.01 -24.08 2.87
CA GLU A 93 -20.71 -22.72 3.32
C GLU A 93 -21.59 -21.65 2.68
N ALA A 94 -22.17 -20.80 3.51
CA ALA A 94 -23.06 -19.73 3.05
C ALA A 94 -22.27 -18.49 2.66
N ALA A 95 -22.87 -17.69 1.77
CA ALA A 95 -22.23 -16.46 1.28
C ALA A 95 -22.26 -15.34 2.29
N VAL A 96 -21.46 -14.31 2.06
CA VAL A 96 -21.44 -13.16 2.94
C VAL A 96 -22.84 -12.55 2.81
N GLY A 97 -23.44 -12.16 3.93
CA GLY A 97 -24.76 -11.57 3.89
C GLY A 97 -25.84 -12.59 4.21
N ALA A 98 -25.48 -13.86 4.21
CA ALA A 98 -26.43 -14.93 4.51
C ALA A 98 -26.76 -14.95 6.00
N ALA A 99 -28.00 -15.30 6.32
CA ALA A 99 -28.42 -15.37 7.72
C ALA A 99 -27.81 -16.62 8.35
N VAL A 100 -27.25 -16.45 9.54
CA VAL A 100 -26.62 -17.55 10.24
C VAL A 100 -26.89 -17.42 11.74
N CYS A 101 -26.92 -18.55 12.43
CA CYS A 101 -27.17 -18.52 13.86
C CYS A 101 -26.12 -19.36 14.57
N ARG A 102 -25.91 -19.08 15.85
CA ARG A 102 -24.94 -19.84 16.62
C ARG A 102 -25.59 -20.28 17.93
N SER A 103 -25.07 -21.35 18.50
CA SER A 103 -25.60 -21.91 19.74
C SER A 103 -24.46 -22.10 20.73
N GLY A 104 -24.70 -21.76 21.99
CA GLY A 104 -23.68 -21.89 23.02
C GLY A 104 -24.30 -21.88 24.41
N ARG A 105 -23.55 -22.36 25.40
CA ARG A 105 -24.07 -22.44 26.76
C ARG A 105 -24.33 -21.12 27.48
N THR A 106 -23.79 -20.02 26.96
CA THR A 106 -24.00 -18.72 27.61
C THR A 106 -25.15 -17.90 27.04
N THR A 107 -25.09 -17.57 25.76
CA THR A 107 -26.14 -16.76 25.15
C THR A 107 -27.21 -17.57 24.42
N GLY A 108 -27.03 -18.89 24.40
CA GLY A 108 -28.00 -19.74 23.72
C GLY A 108 -27.97 -19.63 22.20
N TYR A 109 -29.15 -19.65 21.60
CA TYR A 109 -29.29 -19.57 20.15
C TYR A 109 -29.47 -18.11 19.72
N GLN A 110 -28.52 -17.59 18.95
CA GLN A 110 -28.55 -16.21 18.48
C GLN A 110 -28.31 -16.14 16.97
N CYS A 111 -29.01 -15.22 16.30
CA CYS A 111 -28.86 -15.09 14.86
C CYS A 111 -28.36 -13.74 14.39
N GLY A 112 -27.84 -13.73 13.17
CA GLY A 112 -27.33 -12.53 12.56
C GLY A 112 -26.97 -12.92 11.14
N THR A 113 -26.06 -12.20 10.50
CA THR A 113 -25.64 -12.54 9.16
C THR A 113 -24.12 -12.61 9.11
N ILE A 114 -23.61 -13.27 8.08
CA ILE A 114 -22.17 -13.37 7.88
C ILE A 114 -21.81 -11.99 7.34
N THR A 115 -20.82 -11.33 7.92
CA THR A 115 -20.44 -10.00 7.46
C THR A 115 -19.09 -9.91 6.76
N ALA A 116 -18.23 -10.91 6.99
CA ALA A 116 -16.90 -10.91 6.37
C ALA A 116 -16.24 -12.29 6.45
N LYS A 117 -15.33 -12.56 5.52
CA LYS A 117 -14.62 -13.83 5.48
C LYS A 117 -13.12 -13.62 5.43
N ASN A 118 -12.38 -14.66 5.80
CA ASN A 118 -10.92 -14.65 5.82
C ASN A 118 -10.38 -13.51 6.68
N VAL A 119 -10.92 -13.42 7.90
CA VAL A 119 -10.54 -12.39 8.85
C VAL A 119 -9.36 -12.81 9.72
N THR A 120 -8.43 -11.89 9.95
CA THR A 120 -7.30 -12.19 10.82
C THR A 120 -7.62 -11.48 12.14
N ALA A 121 -7.64 -12.25 13.22
CA ALA A 121 -7.94 -11.69 14.54
C ALA A 121 -6.66 -11.60 15.35
N ASN A 122 -6.44 -10.44 15.98
CA ASN A 122 -5.26 -10.21 16.80
C ASN A 122 -5.51 -10.62 18.25
N TYR A 123 -5.63 -11.93 18.47
CA TYR A 123 -5.87 -12.47 19.81
C TYR A 123 -4.61 -12.28 20.66
N ALA A 124 -4.79 -12.17 21.97
CA ALA A 124 -3.68 -11.98 22.89
C ALA A 124 -2.58 -13.03 22.71
N GLU A 125 -2.98 -14.28 22.48
CA GLU A 125 -2.03 -15.38 22.31
C GLU A 125 -1.32 -15.35 20.97
N GLY A 126 -1.89 -14.61 20.01
CA GLY A 126 -1.29 -14.55 18.68
C GLY A 126 -2.35 -14.49 17.61
N ALA A 127 -1.99 -14.02 16.42
CA ALA A 127 -2.97 -13.92 15.34
C ALA A 127 -3.54 -15.25 14.88
N VAL A 128 -4.80 -15.21 14.46
CA VAL A 128 -5.49 -16.38 13.92
C VAL A 128 -6.07 -15.88 12.61
N ARG A 129 -5.72 -16.50 11.50
CA ARG A 129 -6.20 -16.07 10.20
C ARG A 129 -7.34 -16.95 9.67
N GLY A 130 -7.99 -16.47 8.62
CA GLY A 130 -9.05 -17.23 7.98
C GLY A 130 -10.40 -17.31 8.68
N LEU A 131 -10.63 -16.50 9.70
CA LEU A 131 -11.90 -16.56 10.40
C LEU A 131 -13.03 -15.87 9.65
N THR A 132 -14.25 -16.29 9.94
CA THR A 132 -15.41 -15.67 9.33
C THR A 132 -16.06 -14.81 10.42
N GLN A 133 -16.49 -13.61 10.04
CA GLN A 133 -17.12 -12.71 11.00
C GLN A 133 -18.63 -12.65 10.77
N GLY A 134 -19.39 -12.67 11.86
CA GLY A 134 -20.84 -12.58 11.77
C GLY A 134 -21.28 -11.56 12.79
N ASN A 135 -22.55 -11.17 12.79
CA ASN A 135 -22.97 -10.17 13.77
C ASN A 135 -24.00 -10.67 14.78
N ALA A 136 -24.12 -11.99 14.89
CA ALA A 136 -25.01 -12.57 15.89
C ALA A 136 -24.20 -12.31 17.16
N CYS A 137 -24.85 -12.06 18.28
CA CYS A 137 -24.07 -11.81 19.49
C CYS A 137 -23.59 -13.12 20.13
N MET A 138 -22.63 -13.00 21.03
CA MET A 138 -22.05 -14.17 21.70
C MET A 138 -21.47 -13.70 23.02
N GLY A 139 -20.93 -14.64 23.79
CA GLY A 139 -20.33 -14.29 25.07
C GLY A 139 -19.39 -15.37 25.55
N ARG A 140 -18.56 -15.04 26.54
CA ARG A 140 -17.63 -16.02 27.09
C ARG A 140 -18.39 -17.29 27.47
N GLY A 141 -17.91 -18.42 26.98
CA GLY A 141 -18.55 -19.69 27.27
C GLY A 141 -19.17 -20.30 26.02
N ASP A 142 -19.50 -19.43 25.05
CA ASP A 142 -20.10 -19.87 23.80
C ASP A 142 -19.02 -20.42 22.86
N SER A 143 -17.76 -20.20 23.22
CA SER A 143 -16.63 -20.63 22.41
C SER A 143 -16.65 -22.10 22.04
N GLY A 144 -16.37 -22.38 20.77
CA GLY A 144 -16.36 -23.75 20.28
C GLY A 144 -17.75 -24.15 19.84
N GLY A 145 -18.74 -23.34 20.20
CA GLY A 145 -20.13 -23.62 19.85
C GLY A 145 -20.47 -23.53 18.37
N SER A 146 -21.59 -24.15 17.99
CA SER A 146 -22.03 -24.19 16.60
C SER A 146 -22.50 -22.89 15.95
N TRP A 147 -22.17 -22.76 14.67
CA TRP A 147 -22.62 -21.64 13.84
C TRP A 147 -23.27 -22.42 12.71
N ILE A 148 -24.56 -22.15 12.45
CA ILE A 148 -25.29 -22.89 11.43
C ILE A 148 -26.34 -22.01 10.75
N THR A 149 -26.68 -22.34 9.50
CA THR A 149 -27.69 -21.57 8.78
C THR A 149 -29.07 -22.01 9.22
N SER A 150 -30.10 -21.32 8.71
N SER A 150 -30.10 -21.33 8.74
CA SER A 150 -31.48 -21.63 9.05
CA SER A 150 -31.47 -21.67 9.10
C SER A 150 -31.90 -22.99 8.51
C SER A 150 -31.87 -23.02 8.54
N ALA A 151 -31.31 -23.38 7.37
CA ALA A 151 -31.63 -24.66 6.75
C ALA A 151 -30.77 -25.81 7.24
N GLY A 152 -30.07 -25.61 8.36
CA GLY A 152 -29.25 -26.67 8.92
C GLY A 152 -27.88 -26.94 8.30
N GLN A 153 -27.30 -25.95 7.63
CA GLN A 153 -25.98 -26.14 7.05
C GLN A 153 -24.95 -25.65 8.05
N ALA A 154 -24.14 -26.57 8.57
CA ALA A 154 -23.10 -26.25 9.55
C ALA A 154 -22.04 -25.34 8.94
N GLN A 155 -21.75 -24.22 9.60
CA GLN A 155 -20.78 -23.26 9.10
C GLN A 155 -19.41 -23.27 9.77
N GLY A 156 -19.39 -23.43 11.09
CA GLY A 156 -18.13 -23.42 11.80
C GLY A 156 -18.32 -23.41 13.31
N VAL A 157 -17.23 -23.15 14.03
CA VAL A 157 -17.27 -23.13 15.48
C VAL A 157 -16.78 -21.79 16.04
N ALA A 158 -17.46 -21.32 17.09
CA ALA A 158 -17.13 -20.03 17.72
C ALA A 158 -15.66 -19.88 18.13
N SER A 159 -15.01 -18.81 17.67
CA SER A 159 -13.60 -18.58 17.98
C SER A 159 -13.35 -17.42 18.95
N GLY A 160 -14.08 -16.33 18.80
CA GLY A 160 -13.90 -15.19 19.68
C GLY A 160 -14.75 -14.01 19.25
N GLY A 161 -14.65 -12.91 19.98
CA GLY A 161 -15.45 -11.73 19.64
C GLY A 161 -15.15 -10.53 20.50
N ASN A 162 -15.67 -9.36 20.09
CA ASN A 162 -15.44 -8.12 20.83
C ASN A 162 -16.46 -7.97 21.97
N VAL A 163 -16.34 -8.81 22.98
CA VAL A 163 -17.24 -8.76 24.12
C VAL A 163 -16.95 -7.56 25.02
N GLN A 164 -17.94 -7.19 25.82
CA GLN A 164 -17.80 -6.06 26.74
C GLN A 164 -17.54 -6.58 28.15
N SER A 165 -17.50 -5.66 29.12
CA SER A 165 -17.25 -6.01 30.50
C SER A 165 -18.18 -7.10 31.02
N ASN A 166 -19.41 -7.13 30.51
CA ASN A 166 -20.39 -8.12 30.93
C ASN A 166 -20.14 -9.51 30.34
N GLY A 167 -19.07 -9.64 29.56
CA GLY A 167 -18.73 -10.93 28.97
C GLY A 167 -19.34 -11.27 27.62
N ASN A 168 -20.15 -10.38 27.07
CA ASN A 168 -20.77 -10.65 25.77
C ASN A 168 -20.88 -9.36 24.94
N ASN A 169 -21.32 -9.49 23.69
CA ASN A 169 -21.50 -8.31 22.86
C ASN A 169 -22.96 -8.18 22.42
N CYS A 170 -23.85 -8.75 23.22
CA CYS A 170 -25.28 -8.69 22.94
C CYS A 170 -25.82 -7.32 23.35
N GLY A 171 -25.05 -6.60 24.15
CA GLY A 171 -25.45 -5.29 24.61
C GLY A 171 -25.21 -4.16 23.61
N ILE A 172 -24.53 -4.47 22.52
CA ILE A 172 -24.27 -3.48 21.49
C ILE A 172 -25.00 -3.90 20.22
N PRO A 173 -25.34 -2.92 19.35
CA PRO A 173 -26.06 -3.24 18.12
C PRO A 173 -25.25 -4.16 17.21
N ALA A 174 -25.94 -5.03 16.48
CA ALA A 174 -25.31 -5.96 15.57
C ALA A 174 -24.33 -5.26 14.63
N SER A 175 -24.63 -4.01 14.29
CA SER A 175 -23.77 -3.24 13.39
C SER A 175 -22.38 -2.99 13.94
N GLN A 176 -22.22 -3.18 15.25
CA GLN A 176 -20.93 -2.96 15.91
C GLN A 176 -20.31 -4.25 16.44
N ARG A 177 -20.94 -5.38 16.16
CA ARG A 177 -20.43 -6.66 16.64
C ARG A 177 -19.43 -7.34 15.72
N SER A 178 -18.47 -8.01 16.36
CA SER A 178 -17.46 -8.77 15.65
C SER A 178 -17.46 -10.13 16.34
N SER A 179 -18.27 -11.03 15.84
CA SER A 179 -18.37 -12.37 16.40
C SER A 179 -17.72 -13.30 15.37
N LEU A 180 -16.59 -13.88 15.75
CA LEU A 180 -15.83 -14.71 14.83
C LEU A 180 -15.92 -16.22 15.02
N PHE A 181 -15.86 -16.95 13.92
CA PHE A 181 -15.89 -18.40 13.97
C PHE A 181 -14.91 -19.03 12.98
N GLU A 182 -14.44 -20.21 13.35
CA GLU A 182 -13.51 -20.98 12.52
C GLU A 182 -14.36 -21.82 11.57
N ARG A 183 -14.06 -21.73 10.28
CA ARG A 183 -14.81 -22.47 9.28
C ARG A 183 -14.74 -23.98 9.52
N LEU A 184 -15.87 -24.66 9.37
CA LEU A 184 -15.94 -26.09 9.60
C LEU A 184 -15.18 -27.00 8.64
N GLN A 185 -15.35 -26.81 7.34
CA GLN A 185 -14.70 -27.70 6.39
C GLN A 185 -13.19 -27.91 6.58
N PRO A 186 -12.42 -26.83 6.81
CA PRO A 186 -10.98 -27.02 7.00
C PRO A 186 -10.67 -27.90 8.22
N ILE A 187 -11.55 -27.87 9.22
CA ILE A 187 -11.33 -28.70 10.42
C ILE A 187 -11.58 -30.16 10.05
N LEU A 188 -12.71 -30.41 9.39
CA LEU A 188 -13.06 -31.76 8.96
C LEU A 188 -11.96 -32.31 8.05
N SER A 189 -11.51 -31.47 7.11
CA SER A 189 -10.47 -31.89 6.19
C SER A 189 -9.12 -32.18 6.83
N GLN A 190 -8.68 -31.30 7.73
CA GLN A 190 -7.39 -31.50 8.37
C GLN A 190 -7.33 -32.77 9.21
N TYR A 191 -8.44 -33.09 9.88
CA TYR A 191 -8.46 -34.24 10.76
C TYR A 191 -9.13 -35.49 10.20
N GLY A 192 -9.57 -35.42 8.94
CA GLY A 192 -10.21 -36.56 8.30
C GLY A 192 -11.51 -36.96 8.97
N LEU A 193 -12.29 -35.96 9.37
CA LEU A 193 -13.56 -36.18 10.04
C LEU A 193 -14.76 -36.02 9.12
N SER A 194 -15.85 -36.68 9.48
CA SER A 194 -17.10 -36.60 8.73
C SER A 194 -18.19 -36.07 9.63
N LEU A 195 -18.91 -35.05 9.17
CA LEU A 195 -19.98 -34.45 9.93
C LEU A 195 -21.19 -35.38 10.04
N VAL A 196 -21.73 -35.53 11.25
CA VAL A 196 -22.89 -36.39 11.46
C VAL A 196 -24.13 -35.59 11.04
N THR A 197 -24.86 -36.12 10.06
CA THR A 197 -26.04 -35.41 9.56
C THR A 197 -27.34 -36.20 9.72
N GLY A 198 -28.45 -35.49 9.61
CA GLY A 198 -29.76 -36.11 9.74
C GLY A 198 -30.77 -35.55 8.75
N PRO B 6 -39.41 -23.11 12.43
CA PRO B 6 -40.42 -22.78 13.46
C PRO B 6 -39.81 -21.93 14.58
N GLN B 7 -39.09 -22.58 15.49
CA GLN B 7 -38.45 -21.88 16.60
C GLN B 7 -37.32 -21.02 16.05
N LEU B 8 -36.96 -21.27 14.79
CA LEU B 8 -35.91 -20.53 14.13
C LEU B 8 -36.49 -19.25 13.54
N LYS B 9 -37.77 -19.30 13.19
CA LYS B 9 -38.46 -18.15 12.62
C LYS B 9 -38.48 -17.01 13.64
N PHE B 10 -38.72 -17.35 14.90
CA PHE B 10 -38.77 -16.36 15.96
C PHE B 10 -37.42 -15.65 16.08
N ALA B 11 -36.35 -16.45 16.08
CA ALA B 11 -35.00 -15.90 16.18
C ALA B 11 -34.68 -15.03 14.98
N MET B 12 -35.07 -15.48 13.79
N MET B 12 -35.07 -15.48 13.79
CA MET B 12 -34.81 -14.75 12.55
CA MET B 12 -34.80 -14.74 12.56
C MET B 12 -35.55 -13.41 12.55
C MET B 12 -35.55 -13.41 12.55
N GLN B 13 -36.78 -13.41 13.06
CA GLN B 13 -37.57 -12.19 13.10
C GLN B 13 -37.05 -11.27 14.21
N ARG B 14 -36.67 -11.88 15.32
CA ARG B 14 -36.15 -11.14 16.46
C ARG B 14 -34.78 -10.52 16.22
N ASP B 15 -33.87 -11.31 15.65
CA ASP B 15 -32.51 -10.84 15.40
C ASP B 15 -32.21 -10.23 14.04
N LEU B 16 -32.92 -10.66 13.00
CA LEU B 16 -32.67 -10.15 11.66
C LEU B 16 -33.81 -9.31 11.08
N GLY B 17 -34.96 -9.31 11.75
CA GLY B 17 -36.08 -8.53 11.24
C GLY B 17 -36.64 -9.16 9.97
N ILE B 18 -36.52 -10.48 9.86
CA ILE B 18 -37.06 -11.20 8.71
C ILE B 18 -38.37 -11.82 9.16
N PHE B 19 -39.47 -11.29 8.64
CA PHE B 19 -40.79 -11.79 8.98
C PHE B 19 -41.13 -12.99 8.09
N PRO B 20 -42.00 -13.89 8.56
CA PRO B 20 -42.42 -15.08 7.81
C PRO B 20 -42.65 -14.89 6.31
N THR B 21 -43.44 -13.90 5.93
CA THR B 21 -43.71 -13.66 4.50
C THR B 21 -42.50 -13.25 3.68
N GLN B 22 -41.43 -12.84 4.35
CA GLN B 22 -40.21 -12.42 3.66
C GLN B 22 -39.23 -13.58 3.53
N LEU B 23 -39.51 -14.67 4.22
CA LEU B 23 -38.62 -15.84 4.20
C LEU B 23 -38.32 -16.44 2.82
N PRO B 24 -39.36 -16.73 2.04
CA PRO B 24 -39.13 -17.32 0.71
C PRO B 24 -38.18 -16.53 -0.19
N GLN B 25 -38.42 -15.23 -0.31
CA GLN B 25 -37.57 -14.39 -1.16
C GLN B 25 -36.15 -14.32 -0.63
N TYR B 26 -36.00 -14.31 0.70
CA TYR B 26 -34.66 -14.30 1.26
C TYR B 26 -33.96 -15.62 0.90
N LEU B 27 -34.64 -16.73 1.15
CA LEU B 27 -34.08 -18.04 0.86
C LEU B 27 -33.65 -18.17 -0.61
N GLN B 28 -34.47 -17.64 -1.51
CA GLN B 28 -34.17 -17.69 -2.94
C GLN B 28 -32.88 -16.92 -3.21
N THR B 29 -32.69 -15.82 -2.50
CA THR B 29 -31.49 -15.01 -2.67
C THR B 29 -30.28 -15.71 -2.07
N GLU B 30 -30.45 -16.37 -0.93
CA GLU B 30 -29.33 -17.07 -0.29
C GLU B 30 -28.83 -18.16 -1.24
N LYS B 31 -29.77 -18.89 -1.83
CA LYS B 31 -29.42 -19.96 -2.75
C LYS B 31 -28.74 -19.40 -3.99
N LEU B 32 -29.29 -18.31 -4.54
CA LEU B 32 -28.71 -17.71 -5.73
C LEU B 32 -27.26 -17.29 -5.51
N ALA B 33 -26.99 -16.70 -4.34
CA ALA B 33 -25.63 -16.25 -4.02
C ALA B 33 -24.67 -17.43 -4.03
N ARG B 34 -25.14 -18.57 -3.53
CA ARG B 34 -24.35 -19.79 -3.47
C ARG B 34 -24.11 -20.42 -4.84
N THR B 35 -25.20 -20.68 -5.56
CA THR B 35 -25.13 -21.31 -6.88
C THR B 35 -24.42 -20.52 -7.97
N GLN B 36 -24.47 -19.19 -7.89
CA GLN B 36 -23.85 -18.35 -8.92
C GLN B 36 -22.50 -17.73 -8.56
N ALA B 37 -22.04 -17.95 -7.34
CA ALA B 37 -20.77 -17.37 -6.91
C ALA B 37 -19.61 -17.59 -7.90
N ALA B 38 -19.35 -18.83 -8.27
CA ALA B 38 -18.25 -19.14 -9.19
C ALA B 38 -18.48 -18.56 -10.59
N ALA B 39 -19.72 -18.62 -11.05
CA ALA B 39 -20.06 -18.10 -12.37
C ALA B 39 -19.84 -16.58 -12.42
N ILE B 40 -20.15 -15.90 -11.32
CA ILE B 40 -19.97 -14.45 -11.27
C ILE B 40 -18.47 -14.14 -11.30
N GLU B 41 -17.69 -14.87 -10.52
N GLU B 41 -17.70 -14.84 -10.48
CA GLU B 41 -16.24 -14.66 -10.48
CA GLU B 41 -16.26 -14.62 -10.42
C GLU B 41 -15.64 -14.89 -11.87
C GLU B 41 -15.63 -14.82 -11.79
N ARG B 42 -16.09 -15.95 -12.52
N ARG B 42 -16.04 -15.88 -12.48
CA ARG B 42 -15.60 -16.30 -13.86
CA ARG B 42 -15.51 -16.18 -13.80
C ARG B 42 -15.90 -15.21 -14.87
C ARG B 42 -15.84 -15.06 -14.78
N GLU B 43 -17.10 -14.63 -14.79
CA GLU B 43 -17.52 -13.58 -15.71
C GLU B 43 -16.82 -12.24 -15.55
N PHE B 44 -16.57 -11.82 -14.31
CA PHE B 44 -15.91 -10.55 -14.05
C PHE B 44 -14.40 -10.60 -14.22
N GLY B 45 -13.87 -11.82 -14.32
CA GLY B 45 -12.43 -12.01 -14.51
C GLY B 45 -11.54 -11.31 -13.50
N ALA B 46 -10.44 -10.76 -13.99
CA ALA B 46 -9.46 -10.08 -13.15
C ALA B 46 -10.04 -8.85 -12.44
N GLN B 47 -11.12 -8.31 -12.96
CA GLN B 47 -11.75 -7.14 -12.36
C GLN B 47 -12.78 -7.48 -11.28
N PHE B 48 -12.98 -8.78 -11.02
CA PHE B 48 -13.93 -9.18 -10.00
C PHE B 48 -13.57 -8.50 -8.68
N ALA B 49 -14.58 -7.99 -7.98
CA ALA B 49 -14.36 -7.30 -6.71
C ALA B 49 -15.21 -7.84 -5.56
N GLY B 50 -15.66 -9.09 -5.69
CA GLY B 50 -16.46 -9.72 -4.64
C GLY B 50 -17.97 -9.68 -4.84
N SER B 51 -18.68 -10.53 -4.11
CA SER B 51 -20.13 -10.58 -4.18
C SER B 51 -20.68 -10.87 -2.79
N TRP B 52 -21.90 -10.40 -2.54
CA TRP B 52 -22.52 -10.60 -1.24
C TRP B 52 -24.03 -10.45 -1.34
N ILE B 53 -24.73 -10.91 -0.30
CA ILE B 53 -26.18 -10.77 -0.23
C ILE B 53 -26.40 -9.48 0.55
N GLU B 54 -27.27 -8.61 0.04
CA GLU B 54 -27.53 -7.33 0.68
C GLU B 54 -29.03 -7.17 0.89
N ARG B 55 -29.42 -6.50 1.96
CA ARG B 55 -30.84 -6.29 2.20
C ARG B 55 -31.26 -4.90 1.77
N ASN B 56 -32.35 -4.82 1.01
CA ASN B 56 -32.89 -3.55 0.54
C ASN B 56 -33.65 -2.84 1.65
N GLU B 57 -33.79 -1.52 1.52
CA GLU B 57 -34.50 -0.73 2.52
C GLU B 57 -35.93 -1.21 2.74
N ASP B 58 -36.55 -1.76 1.68
CA ASP B 58 -37.92 -2.23 1.78
C ASP B 58 -38.06 -3.63 2.39
N GLY B 59 -36.94 -4.19 2.81
CA GLY B 59 -36.99 -5.51 3.43
C GLY B 59 -36.63 -6.69 2.55
N SER B 60 -36.61 -6.49 1.24
CA SER B 60 -36.26 -7.57 0.32
C SER B 60 -34.75 -7.75 0.30
N PHE B 61 -34.29 -8.87 -0.26
CA PHE B 61 -32.85 -9.15 -0.33
C PHE B 61 -32.41 -9.21 -1.78
N LYS B 62 -31.11 -9.02 -2.01
CA LYS B 62 -30.61 -9.09 -3.37
C LYS B 62 -29.16 -9.54 -3.39
N LEU B 63 -28.72 -10.02 -4.55
CA LEU B 63 -27.35 -10.48 -4.74
C LEU B 63 -26.61 -9.38 -5.49
N VAL B 64 -25.51 -8.92 -4.91
CA VAL B 64 -24.71 -7.87 -5.51
C VAL B 64 -23.34 -8.39 -5.86
N ALA B 65 -22.81 -7.94 -7.00
CA ALA B 65 -21.50 -8.34 -7.47
C ALA B 65 -20.75 -7.08 -7.86
N ALA B 66 -19.53 -6.92 -7.34
CA ALA B 66 -18.73 -5.73 -7.63
C ALA B 66 -17.64 -6.02 -8.65
N THR B 67 -17.31 -5.01 -9.44
CA THR B 67 -16.25 -5.13 -10.45
C THR B 67 -15.51 -3.80 -10.53
N SER B 68 -14.21 -3.87 -10.77
CA SER B 68 -13.40 -2.66 -10.86
C SER B 68 -13.40 -2.20 -12.32
N GLY B 69 -14.10 -2.95 -13.17
CA GLY B 69 -14.16 -2.60 -14.57
C GLY B 69 -15.31 -1.66 -14.90
N ALA B 70 -15.55 -1.47 -16.20
CA ALA B 70 -16.61 -0.59 -16.65
C ALA B 70 -17.93 -1.31 -16.82
N ARG B 71 -17.89 -2.65 -16.78
CA ARG B 71 -19.09 -3.46 -16.93
C ARG B 71 -20.23 -2.90 -16.07
N LYS B 72 -21.43 -2.87 -16.64
CA LYS B 72 -22.59 -2.35 -15.93
C LYS B 72 -23.71 -3.39 -15.81
N SER B 73 -23.48 -4.57 -16.37
N SER B 73 -23.48 -4.57 -16.37
CA SER B 73 -24.47 -5.64 -16.32
CA SER B 73 -24.47 -5.64 -16.32
C SER B 73 -23.81 -7.02 -16.32
C SER B 73 -23.81 -7.02 -16.32
N SER B 74 -24.60 -8.03 -16.01
CA SER B 74 -24.11 -9.41 -15.97
C SER B 74 -25.01 -10.30 -16.81
N THR B 75 -24.44 -11.39 -17.34
CA THR B 75 -25.20 -12.33 -18.15
C THR B 75 -26.13 -13.16 -17.27
N LEU B 76 -25.72 -13.34 -16.02
CA LEU B 76 -26.50 -14.13 -15.06
C LEU B 76 -27.58 -13.26 -14.42
N GLY B 77 -28.80 -13.79 -14.39
CA GLY B 77 -29.90 -13.06 -13.80
C GLY B 77 -29.87 -12.95 -12.30
N GLY B 78 -30.56 -11.94 -11.77
CA GLY B 78 -30.64 -11.72 -10.34
C GLY B 78 -29.39 -11.12 -9.71
N VAL B 79 -28.46 -10.64 -10.54
CA VAL B 79 -27.23 -10.07 -10.03
C VAL B 79 -27.12 -8.56 -10.29
N GLU B 80 -27.04 -7.77 -9.22
CA GLU B 80 -26.90 -6.32 -9.38
C GLU B 80 -25.41 -6.03 -9.46
N VAL B 81 -24.99 -5.33 -10.50
CA VAL B 81 -23.58 -5.02 -10.66
C VAL B 81 -23.24 -3.68 -10.04
N ARG B 82 -22.19 -3.66 -9.23
N ARG B 82 -22.19 -3.66 -9.23
CA ARG B 82 -21.74 -2.44 -8.58
CA ARG B 82 -21.73 -2.45 -8.56
C ARG B 82 -20.32 -2.13 -9.04
C ARG B 82 -20.32 -2.13 -9.03
N ASN B 83 -20.12 -0.92 -9.53
CA ASN B 83 -18.81 -0.50 -10.01
C ASN B 83 -18.00 0.09 -8.87
N VAL B 84 -16.83 -0.47 -8.63
CA VAL B 84 -15.96 -0.02 -7.55
C VAL B 84 -14.58 0.32 -8.10
N ARG B 85 -13.74 0.91 -7.26
CA ARG B 85 -12.40 1.32 -7.67
C ARG B 85 -11.35 0.23 -7.72
N TYR B 86 -11.27 -0.58 -6.67
CA TYR B 86 -10.27 -1.64 -6.58
C TYR B 86 -10.81 -3.04 -6.84
N SER B 87 -9.95 -3.88 -7.40
CA SER B 87 -10.32 -5.26 -7.68
C SER B 87 -10.06 -6.08 -6.44
N LEU B 88 -10.62 -7.30 -6.39
CA LEU B 88 -10.42 -8.17 -5.24
C LEU B 88 -8.93 -8.47 -5.10
N LYS B 89 -8.27 -8.70 -6.23
CA LYS B 89 -6.85 -9.01 -6.23
C LYS B 89 -6.05 -7.88 -5.58
N GLN B 90 -6.45 -6.64 -5.86
CA GLN B 90 -5.74 -5.51 -5.27
C GLN B 90 -5.94 -5.48 -3.76
N LEU B 91 -7.19 -5.65 -3.33
CA LEU B 91 -7.49 -5.64 -1.90
C LEU B 91 -6.80 -6.82 -1.22
N GLN B 92 -6.75 -7.96 -1.89
CA GLN B 92 -6.11 -9.14 -1.31
C GLN B 92 -4.62 -8.91 -1.07
N SER B 93 -3.99 -8.14 -1.96
N SER B 93 -3.99 -8.15 -1.96
CA SER B 93 -2.57 -7.85 -1.84
CA SER B 93 -2.56 -7.87 -1.82
C SER B 93 -2.31 -6.98 -0.60
C SER B 93 -2.31 -6.98 -0.60
N ALA B 94 -3.20 -6.02 -0.37
CA ALA B 94 -3.07 -5.12 0.78
C ALA B 94 -3.28 -5.95 2.06
N MET B 95 -4.22 -6.87 1.99
CA MET B 95 -4.53 -7.73 3.12
C MET B 95 -3.30 -8.57 3.48
N GLU B 96 -2.64 -9.12 2.47
CA GLU B 96 -1.45 -9.93 2.70
C GLU B 96 -0.33 -9.08 3.33
N GLN B 97 -0.26 -7.80 2.96
CA GLN B 97 0.75 -6.92 3.51
C GLN B 97 0.49 -6.73 5.00
N LEU B 98 -0.80 -6.60 5.37
CA LEU B 98 -1.16 -6.42 6.77
C LEU B 98 -0.80 -7.68 7.57
N ASP B 99 -1.12 -8.84 7.01
CA ASP B 99 -0.78 -10.10 7.67
C ASP B 99 0.73 -10.14 7.89
N ALA B 100 1.48 -9.83 6.84
CA ALA B 100 2.94 -9.83 6.89
C ALA B 100 3.47 -8.85 7.95
N GLY B 101 2.86 -7.66 7.99
CA GLY B 101 3.28 -6.67 8.95
C GLY B 101 3.11 -7.15 10.38
N ALA B 102 2.00 -7.84 10.63
CA ALA B 102 1.72 -8.36 11.97
C ALA B 102 2.57 -9.60 12.27
N ASN B 103 3.07 -10.25 11.22
CA ASN B 103 3.88 -11.45 11.39
C ASN B 103 5.32 -11.08 11.68
N ALA B 104 5.68 -9.83 11.37
CA ALA B 104 7.02 -9.31 11.59
C ALA B 104 8.08 -10.21 10.93
N LEU B 113 0.80 -5.34 18.65
CA LEU B 113 -0.25 -4.56 17.94
C LEU B 113 -1.38 -4.17 18.89
N ASP B 114 -1.02 -3.62 20.04
CA ASP B 114 -2.04 -3.22 21.02
C ASP B 114 -3.06 -2.27 20.43
N GLY B 115 -4.34 -2.57 20.64
CA GLY B 115 -5.39 -1.70 20.13
C GLY B 115 -6.04 -2.18 18.84
N VAL B 116 -5.32 -2.97 18.05
CA VAL B 116 -5.85 -3.49 16.80
C VAL B 116 -6.62 -4.78 17.06
N GLN B 117 -7.88 -4.83 16.63
CA GLN B 117 -8.71 -6.00 16.84
C GLN B 117 -8.58 -7.02 15.72
N SER B 118 -8.82 -6.58 14.48
CA SER B 118 -8.76 -7.48 13.34
C SER B 118 -8.68 -6.73 12.01
N TRP B 119 -8.51 -7.48 10.93
CA TRP B 119 -8.46 -6.89 9.60
C TRP B 119 -8.97 -7.91 8.58
N TYR B 120 -9.60 -7.41 7.53
CA TYR B 120 -10.14 -8.28 6.49
C TYR B 120 -10.57 -7.52 5.25
N VAL B 121 -10.54 -8.23 4.12
CA VAL B 121 -10.98 -7.65 2.86
C VAL B 121 -12.49 -7.55 3.01
N ASP B 122 -13.05 -6.39 2.68
CA ASP B 122 -14.49 -6.14 2.79
C ASP B 122 -15.04 -5.63 1.46
N PRO B 123 -15.38 -6.55 0.56
CA PRO B 123 -15.91 -6.15 -0.76
C PRO B 123 -17.04 -5.12 -0.71
N ARG B 124 -17.96 -5.25 0.23
CA ARG B 124 -19.08 -4.30 0.31
C ARG B 124 -18.62 -2.85 0.42
N SER B 125 -17.46 -2.60 1.01
CA SER B 125 -16.97 -1.24 1.13
C SER B 125 -15.74 -1.01 0.25
N ASN B 126 -15.44 -1.99 -0.61
CA ASN B 126 -14.29 -1.95 -1.51
C ASN B 126 -13.03 -1.51 -0.80
N ALA B 127 -12.73 -2.16 0.32
CA ALA B 127 -11.54 -1.82 1.08
C ALA B 127 -11.18 -2.93 2.04
N VAL B 128 -9.97 -2.83 2.59
CA VAL B 128 -9.53 -3.78 3.60
C VAL B 128 -9.87 -3.04 4.89
N VAL B 129 -10.58 -3.71 5.78
CA VAL B 129 -10.98 -3.09 7.04
C VAL B 129 -10.04 -3.47 8.18
N VAL B 130 -9.70 -2.48 9.00
CA VAL B 130 -8.83 -2.71 10.15
C VAL B 130 -9.64 -2.22 11.34
N LYS B 131 -10.15 -3.15 12.14
CA LYS B 131 -10.93 -2.79 13.31
C LYS B 131 -10.00 -2.58 14.50
N VAL B 132 -10.23 -1.51 15.26
CA VAL B 132 -9.41 -1.20 16.41
C VAL B 132 -10.29 -0.88 17.61
N ASP B 133 -9.74 -1.03 18.81
CA ASP B 133 -10.49 -0.72 20.03
C ASP B 133 -10.84 0.75 20.00
N ASP B 134 -11.97 1.12 20.60
CA ASP B 134 -12.38 2.51 20.64
C ASP B 134 -11.23 3.34 21.23
N GLY B 135 -10.75 4.31 20.45
CA GLY B 135 -9.67 5.16 20.93
C GLY B 135 -8.28 4.65 20.59
N ALA B 136 -8.19 3.73 19.63
CA ALA B 136 -6.90 3.17 19.23
C ALA B 136 -6.65 3.34 17.73
N THR B 137 -7.33 4.32 17.13
CA THR B 137 -7.18 4.59 15.70
C THR B 137 -5.71 4.83 15.34
N ASP B 138 -4.97 5.44 16.26
CA ASP B 138 -3.56 5.73 16.04
C ASP B 138 -2.79 4.42 15.88
N ALA B 139 -3.16 3.42 16.67
CA ALA B 139 -2.52 2.12 16.59
C ALA B 139 -2.81 1.54 15.21
N GLY B 140 -4.04 1.73 14.75
CA GLY B 140 -4.42 1.24 13.44
C GLY B 140 -3.67 1.95 12.34
N VAL B 141 -3.41 3.25 12.54
CA VAL B 141 -2.69 4.04 11.55
C VAL B 141 -1.25 3.56 11.44
N ASP B 142 -0.59 3.41 12.59
CA ASP B 142 0.80 2.95 12.61
C ASP B 142 0.92 1.56 11.98
N PHE B 143 -0.05 0.70 12.27
CA PHE B 143 -0.08 -0.65 11.73
C PHE B 143 -0.13 -0.64 10.21
N VAL B 144 -1.06 0.15 9.66
CA VAL B 144 -1.19 0.24 8.21
C VAL B 144 0.08 0.80 7.58
N ALA B 145 0.67 1.81 8.22
CA ALA B 145 1.89 2.43 7.71
C ALA B 145 3.08 1.48 7.67
N LEU B 146 3.33 0.78 8.77
CA LEU B 146 4.44 -0.16 8.84
C LEU B 146 4.23 -1.33 7.87
N SER B 147 2.97 -1.66 7.63
CA SER B 147 2.63 -2.77 6.74
C SER B 147 2.91 -2.42 5.28
N GLY B 148 2.99 -1.12 4.99
CA GLY B 148 3.25 -0.68 3.63
C GLY B 148 2.02 -0.78 2.74
N ALA B 149 0.86 -0.92 3.37
CA ALA B 149 -0.39 -1.02 2.63
C ALA B 149 -0.86 0.35 2.15
N ASP B 150 -1.41 0.37 0.94
CA ASP B 150 -1.93 1.59 0.32
C ASP B 150 -3.09 2.08 1.18
N SER B 151 -2.91 3.24 1.83
CA SER B 151 -3.95 3.79 2.71
C SER B 151 -5.30 4.02 2.03
N ALA B 152 -5.29 4.17 0.72
CA ALA B 152 -6.52 4.39 -0.04
C ALA B 152 -7.34 3.11 -0.16
N GLN B 153 -6.70 1.97 0.07
CA GLN B 153 -7.37 0.67 -0.01
C GLN B 153 -7.77 0.17 1.37
N VAL B 154 -7.36 0.88 2.41
CA VAL B 154 -7.65 0.48 3.78
C VAL B 154 -8.48 1.50 4.55
N ARG B 155 -9.35 1.01 5.40
CA ARG B 155 -10.17 1.89 6.21
C ARG B 155 -10.22 1.39 7.65
N ILE B 156 -9.91 2.29 8.58
CA ILE B 156 -9.91 1.94 9.98
C ILE B 156 -11.30 2.18 10.56
N GLU B 157 -11.79 1.20 11.32
CA GLU B 157 -13.11 1.30 11.92
C GLU B 157 -13.02 1.01 13.42
N SER B 158 -13.60 1.88 14.23
CA SER B 158 -13.60 1.69 15.68
C SER B 158 -14.54 0.54 16.01
N SER B 159 -14.15 -0.25 17.00
CA SER B 159 -14.95 -1.39 17.42
C SER B 159 -15.01 -1.44 18.94
N PRO B 160 -16.22 -1.53 19.51
CA PRO B 160 -16.35 -1.59 20.97
C PRO B 160 -15.86 -2.90 21.56
N GLY B 161 -15.70 -2.94 22.88
CA GLY B 161 -15.23 -4.14 23.53
C GLY B 161 -13.81 -4.50 23.13
N LYS B 162 -13.40 -5.73 23.43
CA LYS B 162 -12.05 -6.17 23.10
C LYS B 162 -12.03 -7.65 22.78
N LEU B 163 -11.18 -8.02 21.83
CA LEU B 163 -11.03 -9.41 21.41
C LEU B 163 -10.14 -10.16 22.40
N ALA C 1 11.58 -4.51 6.72
CA ALA C 1 10.92 -3.20 6.43
C ALA C 1 10.51 -3.11 4.97
N ASN C 2 9.58 -2.22 4.68
CA ASN C 2 9.13 -2.02 3.30
C ASN C 2 9.94 -0.90 2.70
N ILE C 3 10.66 -1.21 1.63
CA ILE C 3 11.51 -0.21 0.98
C ILE C 3 10.70 0.63 0.01
N VAL C 4 10.58 1.91 0.33
CA VAL C 4 9.82 2.88 -0.47
C VAL C 4 10.63 4.16 -0.63
N GLY C 5 10.62 4.73 -1.83
CA GLY C 5 11.37 5.95 -2.04
C GLY C 5 10.90 7.09 -1.14
N GLY C 6 11.85 7.85 -0.60
CA GLY C 6 11.49 8.97 0.24
C GLY C 6 11.41 8.74 1.74
N ILE C 7 11.39 7.48 2.17
CA ILE C 7 11.31 7.22 3.60
C ILE C 7 12.66 7.37 4.28
N GLU C 8 12.63 7.64 5.58
CA GLU C 8 13.85 7.81 6.35
C GLU C 8 14.59 6.52 6.67
N TYR C 9 15.92 6.61 6.69
CA TYR C 9 16.78 5.50 7.08
C TYR C 9 17.97 6.16 7.75
N SER C 10 18.61 5.45 8.67
CA SER C 10 19.76 6.02 9.37
C SER C 10 21.02 5.31 8.95
N ILE C 11 22.15 5.99 9.12
CA ILE C 11 23.44 5.44 8.76
C ILE C 11 24.29 5.38 10.02
N ASN C 12 24.70 4.17 10.40
CA ASN C 12 25.52 3.95 11.58
C ASN C 12 24.94 4.58 12.84
N ASN C 13 23.61 4.65 12.89
CA ASN C 13 22.89 5.24 14.02
C ASN C 13 23.38 6.67 14.29
N ALA C 14 23.92 7.31 13.26
CA ALA C 14 24.45 8.67 13.44
C ALA C 14 23.82 9.75 12.58
N SER C 15 23.56 9.45 11.31
CA SER C 15 22.97 10.45 10.42
C SER C 15 21.72 9.94 9.72
N LEU C 16 20.95 10.87 9.15
CA LEU C 16 19.71 10.50 8.47
C LEU C 16 19.70 10.88 6.99
N CYS C 17 19.05 10.04 6.19
CA CYS C 17 18.92 10.27 4.75
C CYS C 17 17.59 9.68 4.32
N SER C 18 17.25 9.83 3.04
CA SER C 18 16.00 9.28 2.52
C SER C 18 16.30 8.23 1.45
N VAL C 19 15.46 7.21 1.37
CA VAL C 19 15.63 6.15 0.38
C VAL C 19 15.34 6.70 -1.01
N GLY C 20 16.13 6.27 -1.99
CA GLY C 20 15.94 6.73 -3.35
C GLY C 20 14.94 5.85 -4.09
N PHE C 21 15.39 4.67 -4.51
CA PHE C 21 14.52 3.74 -5.23
C PHE C 21 14.87 2.28 -4.97
N SER C 22 13.84 1.44 -4.91
CA SER C 22 14.04 0.02 -4.73
C SER C 22 14.67 -0.50 -6.03
N VAL C 23 15.69 -1.34 -5.90
CA VAL C 23 16.37 -1.94 -7.04
C VAL C 23 16.78 -3.36 -6.71
N THR C 24 17.25 -4.09 -7.71
CA THR C 24 17.75 -5.45 -7.53
C THR C 24 18.98 -5.65 -8.40
N ARG C 25 19.76 -6.66 -8.05
CA ARG C 25 20.94 -7.05 -8.80
C ARG C 25 20.86 -8.56 -8.67
N GLY C 26 20.18 -9.17 -9.63
CA GLY C 26 19.99 -10.61 -9.58
C GLY C 26 19.01 -10.84 -8.45
N ALA C 27 19.35 -11.72 -7.53
CA ALA C 27 18.46 -12.00 -6.40
C ALA C 27 18.74 -11.08 -5.21
N THR C 28 19.73 -10.20 -5.36
CA THR C 28 20.07 -9.27 -4.29
C THR C 28 19.17 -8.04 -4.27
N LYS C 29 18.59 -7.75 -3.11
CA LYS C 29 17.71 -6.61 -2.95
C LYS C 29 18.51 -5.40 -2.49
N GLY C 30 18.04 -4.21 -2.84
CA GLY C 30 18.75 -3.02 -2.41
C GLY C 30 17.98 -1.76 -2.75
N PHE C 31 18.61 -0.62 -2.49
CA PHE C 31 18.02 0.66 -2.85
C PHE C 31 19.15 1.61 -3.15
N VAL C 32 18.93 2.50 -4.12
CA VAL C 32 19.94 3.48 -4.44
C VAL C 32 19.67 4.72 -3.61
N THR C 33 20.71 5.51 -3.38
CA THR C 33 20.60 6.72 -2.58
C THR C 33 21.80 7.61 -2.90
N ALA C 34 22.00 8.67 -2.12
CA ALA C 34 23.13 9.58 -2.37
C ALA C 34 24.42 9.02 -1.79
N GLY C 35 25.53 9.26 -2.50
CA GLY C 35 26.82 8.82 -2.04
C GLY C 35 27.28 9.47 -0.74
N HIS C 36 26.89 10.72 -0.53
CA HIS C 36 27.30 11.41 0.69
C HIS C 36 26.61 10.89 1.94
N CYS C 37 25.60 10.06 1.77
CA CYS C 37 24.86 9.52 2.91
C CYS C 37 25.66 8.49 3.70
N GLY C 38 26.59 7.81 3.05
CA GLY C 38 27.36 6.80 3.76
C GLY C 38 28.54 6.22 3.01
N THR C 39 29.51 5.72 3.78
CA THR C 39 30.70 5.10 3.20
C THR C 39 30.45 3.60 3.08
N VAL C 40 31.22 2.94 2.23
CA VAL C 40 31.09 1.50 2.04
C VAL C 40 31.10 0.78 3.38
N ASN C 41 30.18 -0.18 3.53
CA ASN C 41 30.04 -0.98 4.75
C ASN C 41 29.26 -0.31 5.88
N ALA C 42 28.90 0.96 5.71
CA ALA C 42 28.12 1.65 6.74
C ALA C 42 26.81 0.90 6.87
N THR C 43 26.25 0.87 8.08
CA THR C 43 24.99 0.16 8.34
C THR C 43 23.73 1.00 8.22
N ALA C 44 22.81 0.56 7.37
CA ALA C 44 21.55 1.26 7.17
C ALA C 44 20.45 0.64 8.03
N ARG C 45 19.64 1.49 8.65
CA ARG C 45 18.56 1.02 9.50
C ARG C 45 17.26 1.76 9.21
N ILE C 46 16.15 1.06 9.33
CA ILE C 46 14.84 1.65 9.12
C ILE C 46 13.98 1.24 10.31
N GLY C 47 13.35 2.21 10.96
CA GLY C 47 12.53 1.91 12.12
C GLY C 47 13.38 1.36 13.24
N GLY C 48 14.68 1.63 13.19
CA GLY C 48 15.59 1.15 14.21
C GLY C 48 16.22 -0.19 13.93
N ALA C 49 15.70 -0.90 12.93
CA ALA C 49 16.22 -2.23 12.58
C ALA C 49 17.20 -2.19 11.42
N VAL C 50 18.23 -3.04 11.50
CA VAL C 50 19.22 -3.11 10.43
C VAL C 50 18.56 -3.69 9.19
N VAL C 51 18.65 -2.97 8.06
CA VAL C 51 18.07 -3.45 6.82
C VAL C 51 19.15 -3.83 5.81
N GLY C 52 20.34 -3.26 5.95
CA GLY C 52 21.41 -3.58 5.02
C GLY C 52 22.67 -2.75 5.21
N THR C 53 23.57 -2.82 4.24
CA THR C 53 24.82 -2.05 4.33
C THR C 53 25.15 -1.40 2.99
N PHE C 54 25.85 -0.28 3.05
CA PHE C 54 26.27 0.41 1.84
C PHE C 54 27.22 -0.50 1.09
N ALA C 55 26.85 -0.89 -0.12
CA ALA C 55 27.67 -1.79 -0.93
C ALA C 55 28.72 -1.05 -1.74
N ALA C 56 28.37 0.15 -2.19
CA ALA C 56 29.27 0.95 -3.01
C ALA C 56 28.82 2.40 -3.01
N ARG C 57 29.77 3.31 -3.23
CA ARG C 57 29.44 4.72 -3.24
C ARG C 57 30.53 5.52 -3.92
N VAL C 58 30.16 6.69 -4.40
CA VAL C 58 31.13 7.58 -5.01
C VAL C 58 30.71 8.98 -4.61
N PHE C 59 31.59 9.66 -3.90
CA PHE C 59 31.37 11.03 -3.45
C PHE C 59 32.67 11.55 -2.85
N PRO C 60 33.13 12.73 -3.28
CA PRO C 60 32.52 13.61 -4.30
C PRO C 60 32.80 13.15 -5.72
N GLY C 61 32.82 14.08 -6.67
CA GLY C 61 33.03 13.71 -8.06
C GLY C 61 31.64 13.43 -8.57
N ASN C 62 31.05 12.37 -8.04
CA ASN C 62 29.67 11.98 -8.36
C ASN C 62 29.02 12.04 -6.97
N ASP C 63 27.79 11.58 -6.85
CA ASP C 63 27.14 11.54 -5.54
C ASP C 63 26.13 10.43 -5.63
N ARG C 64 26.62 9.19 -5.57
CA ARG C 64 25.76 8.02 -5.69
C ARG C 64 26.17 6.89 -4.78
N ALA C 65 25.21 6.02 -4.49
CA ALA C 65 25.46 4.87 -3.64
C ALA C 65 24.30 3.89 -3.74
N TRP C 66 24.53 2.67 -3.28
CA TRP C 66 23.45 1.71 -3.21
C TRP C 66 23.69 0.87 -1.98
N VAL C 67 22.59 0.51 -1.34
CA VAL C 67 22.62 -0.28 -0.11
C VAL C 67 22.12 -1.67 -0.43
N SER C 68 22.93 -2.68 -0.12
N SER C 68 22.93 -2.68 -0.10
CA SER C 68 22.54 -4.07 -0.35
CA SER C 68 22.57 -4.07 -0.32
C SER C 68 21.74 -4.48 0.88
C SER C 68 21.73 -4.48 0.90
N LEU C 69 20.53 -4.99 0.66
CA LEU C 69 19.63 -5.38 1.73
C LEU C 69 19.54 -6.88 2.05
N THR C 70 19.06 -7.20 3.25
CA THR C 70 18.88 -8.58 3.63
C THR C 70 17.64 -9.10 2.91
N SER C 71 17.58 -10.41 2.72
CA SER C 71 16.45 -11.04 2.04
C SER C 71 15.10 -10.75 2.68
N ALA C 72 15.11 -10.45 3.97
CA ALA C 72 13.88 -10.16 4.70
C ALA C 72 13.20 -8.85 4.29
N GLN C 73 13.97 -7.93 3.71
CA GLN C 73 13.39 -6.66 3.30
C GLN C 73 12.41 -6.84 2.15
N THR C 74 11.42 -5.97 2.07
CA THR C 74 10.41 -6.05 1.03
C THR C 74 10.48 -4.83 0.13
N LEU C 75 10.81 -5.05 -1.14
CA LEU C 75 10.92 -3.97 -2.11
C LEU C 75 9.58 -3.63 -2.72
N LEU C 76 9.27 -2.33 -2.80
CA LEU C 76 8.04 -1.88 -3.39
C LEU C 76 8.41 -0.85 -4.45
N PRO C 77 7.74 -0.90 -5.62
CA PRO C 77 7.99 0.03 -6.72
C PRO C 77 7.23 1.31 -6.43
N ARG C 78 7.59 1.97 -5.33
CA ARG C 78 6.89 3.18 -4.93
C ARG C 78 7.76 4.30 -4.40
N VAL C 79 7.18 5.49 -4.41
CA VAL C 79 7.81 6.70 -3.88
C VAL C 79 6.71 7.31 -3.01
N ALA C 80 7.04 7.61 -1.75
CA ALA C 80 6.08 8.18 -0.83
C ALA C 80 5.58 9.56 -1.22
N ASN C 81 4.28 9.77 -1.05
CA ASN C 81 3.62 11.04 -1.35
C ASN C 81 2.50 11.21 -0.32
N GLY C 82 2.88 11.66 0.87
CA GLY C 82 1.90 11.84 1.93
C GLY C 82 1.41 10.48 2.37
N SER C 83 0.09 10.34 2.52
CA SER C 83 -0.49 9.08 2.91
C SER C 83 -0.56 8.14 1.72
N SER C 84 -0.24 8.67 0.54
CA SER C 84 -0.27 7.87 -0.67
C SER C 84 1.13 7.64 -1.24
N PHE C 85 1.20 7.40 -2.54
CA PHE C 85 2.49 7.15 -3.17
C PHE C 85 2.38 7.24 -4.69
N VAL C 86 3.54 7.33 -5.33
CA VAL C 86 3.64 7.38 -6.77
C VAL C 86 4.24 6.04 -7.17
N THR C 87 3.61 5.35 -8.12
CA THR C 87 4.14 4.06 -8.56
C THR C 87 5.29 4.31 -9.53
N VAL C 88 6.40 3.61 -9.32
CA VAL C 88 7.57 3.74 -10.18
C VAL C 88 7.33 2.89 -11.43
N ARG C 89 7.29 3.55 -12.59
CA ARG C 89 7.02 2.87 -13.85
C ARG C 89 8.23 2.73 -14.78
N GLY C 90 9.25 3.54 -14.54
CA GLY C 90 10.43 3.48 -15.38
C GLY C 90 11.44 4.54 -14.99
N SER C 91 12.47 4.74 -15.82
CA SER C 91 13.52 5.72 -15.53
C SER C 91 13.80 6.61 -16.74
N THR C 92 12.75 6.96 -17.49
CA THR C 92 12.92 7.83 -18.66
C THR C 92 13.23 9.25 -18.18
N GLU C 93 14.42 9.75 -18.53
CA GLU C 93 14.87 11.08 -18.12
C GLU C 93 14.09 12.21 -18.79
N ALA C 94 13.59 13.12 -17.96
CA ALA C 94 12.80 14.26 -18.45
C ALA C 94 13.67 15.41 -18.89
N ALA C 95 13.17 16.19 -19.85
CA ALA C 95 13.90 17.33 -20.38
C ALA C 95 13.86 18.54 -19.44
N VAL C 96 14.74 19.50 -19.71
CA VAL C 96 14.75 20.73 -18.92
C VAL C 96 13.40 21.40 -19.15
N GLY C 97 12.77 21.85 -18.07
CA GLY C 97 11.48 22.50 -18.20
C GLY C 97 10.33 21.57 -17.87
N ALA C 98 10.63 20.27 -17.72
CA ALA C 98 9.59 19.31 -17.41
C ALA C 98 9.21 19.35 -15.93
N ALA C 99 7.94 19.07 -15.63
CA ALA C 99 7.47 19.05 -14.26
C ALA C 99 8.07 17.83 -13.56
N VAL C 100 8.38 17.97 -12.28
CA VAL C 100 8.98 16.88 -11.53
C VAL C 100 8.77 17.08 -10.04
N CYS C 101 8.79 15.99 -9.27
CA CYS C 101 8.62 16.11 -7.83
C CYS C 101 9.74 15.33 -7.14
N ARG C 102 9.84 15.49 -5.83
CA ARG C 102 10.85 14.77 -5.06
C ARG C 102 10.22 14.40 -3.73
N SER C 103 10.74 13.35 -3.11
CA SER C 103 10.20 12.83 -1.85
C SER C 103 11.33 12.59 -0.84
N GLY C 104 11.11 13.00 0.41
CA GLY C 104 12.11 12.83 1.45
C GLY C 104 11.51 12.95 2.85
N ARG C 105 12.21 12.44 3.86
CA ARG C 105 11.70 12.46 5.23
C ARG C 105 11.55 13.79 5.95
N THR C 106 12.11 14.86 5.38
CA THR C 106 11.99 16.17 6.02
C THR C 106 10.89 17.03 5.42
N THR C 107 10.98 17.35 4.13
CA THR C 107 9.97 18.18 3.50
C THR C 107 8.87 17.40 2.80
N GLY C 108 8.96 16.08 2.85
CA GLY C 108 7.94 15.26 2.21
C GLY C 108 7.98 15.33 0.69
N TYR C 109 6.80 15.35 0.07
CA TYR C 109 6.66 15.39 -1.37
C TYR C 109 6.53 16.84 -1.86
N GLN C 110 7.48 17.28 -2.69
CA GLN C 110 7.49 18.64 -3.21
C GLN C 110 7.67 18.61 -4.72
N CYS C 111 7.03 19.55 -5.41
CA CYS C 111 7.11 19.60 -6.86
C CYS C 111 7.63 20.91 -7.43
N GLY C 112 8.02 20.86 -8.69
CA GLY C 112 8.56 22.03 -9.37
C GLY C 112 8.92 21.60 -10.78
N THR C 113 9.99 22.16 -11.32
CA THR C 113 10.41 21.78 -12.67
C THR C 113 11.92 21.60 -12.74
N ILE C 114 12.39 20.92 -13.79
CA ILE C 114 13.81 20.71 -14.01
C ILE C 114 14.30 22.05 -14.58
N THR C 115 15.32 22.63 -13.98
CA THR C 115 15.82 23.93 -14.45
C THR C 115 17.19 23.93 -15.12
N ALA C 116 17.98 22.89 -14.86
CA ALA C 116 19.31 22.82 -15.49
C ALA C 116 19.91 21.43 -15.37
N LYS C 117 20.85 21.12 -16.27
CA LYS C 117 21.52 19.83 -16.27
C LYS C 117 23.04 19.97 -16.32
N ASN C 118 23.73 18.90 -15.93
CA ASN C 118 25.19 18.87 -15.89
C ASN C 118 25.77 20.00 -15.05
N VAL C 119 25.21 20.16 -13.86
CA VAL C 119 25.63 21.19 -12.91
C VAL C 119 26.78 20.74 -12.03
N THR C 120 27.77 21.60 -11.82
CA THR C 120 28.86 21.25 -10.92
C THR C 120 28.57 21.99 -9.62
N ALA C 121 28.51 21.25 -8.52
CA ALA C 121 28.24 21.83 -7.20
C ALA C 121 29.54 21.89 -6.42
N ASN C 122 29.80 23.02 -5.79
CA ASN C 122 31.00 23.22 -5.00
C ASN C 122 30.75 22.83 -3.54
N TYR C 123 30.52 21.54 -3.29
CA TYR C 123 30.26 21.06 -1.92
C TYR C 123 31.53 21.17 -1.07
N ALA C 124 31.35 21.24 0.24
CA ALA C 124 32.48 21.36 1.16
C ALA C 124 33.53 20.27 0.98
N GLU C 125 33.07 19.02 0.80
CA GLU C 125 33.98 17.89 0.64
C GLU C 125 34.68 17.82 -0.72
N GLY C 126 34.17 18.56 -1.69
CA GLY C 126 34.75 18.57 -3.02
C GLY C 126 33.67 18.77 -4.07
N ALA C 127 34.08 19.09 -5.28
CA ALA C 127 33.12 19.31 -6.35
C ALA C 127 32.45 18.03 -6.84
N VAL C 128 31.19 18.17 -7.23
CA VAL C 128 30.44 17.05 -7.80
C VAL C 128 29.89 17.60 -9.11
N ARG C 129 30.19 16.91 -10.21
N ARG C 129 30.19 16.91 -10.21
CA ARG C 129 29.74 17.36 -11.52
CA ARG C 129 29.73 17.36 -11.53
C ARG C 129 28.57 16.52 -12.02
C ARG C 129 28.57 16.53 -12.02
N GLY C 130 27.97 16.97 -13.12
CA GLY C 130 26.86 16.26 -13.72
C GLY C 130 25.51 16.22 -13.04
N LEU C 131 25.30 17.08 -12.04
CA LEU C 131 24.02 17.07 -11.33
C LEU C 131 22.94 17.80 -12.11
N THR C 132 21.69 17.44 -11.82
CA THR C 132 20.56 18.09 -12.44
C THR C 132 19.97 18.98 -11.37
N GLN C 133 19.53 20.18 -11.78
CA GLN C 133 18.94 21.14 -10.86
C GLN C 133 17.45 21.27 -11.12
N GLY C 134 16.67 21.37 -10.04
CA GLY C 134 15.24 21.54 -10.16
C GLY C 134 14.86 22.61 -9.15
N ASN C 135 13.61 23.10 -9.16
CA ASN C 135 13.25 24.12 -8.19
C ASN C 135 12.17 23.70 -7.20
N ALA C 136 12.01 22.39 -7.02
CA ALA C 136 11.09 21.89 -6.01
C ALA C 136 11.93 22.15 -4.76
N CYS C 137 11.32 22.52 -3.65
CA CYS C 137 12.11 22.77 -2.45
C CYS C 137 12.52 21.47 -1.75
N MET C 138 13.51 21.59 -0.85
CA MET C 138 14.04 20.45 -0.12
C MET C 138 14.68 20.90 1.20
N GLY C 139 15.05 19.94 2.03
CA GLY C 139 15.67 20.27 3.31
C GLY C 139 16.62 19.20 3.80
N ARG C 140 17.44 19.55 4.79
CA ARG C 140 18.38 18.57 5.34
C ARG C 140 17.59 17.35 5.81
N GLY C 141 18.03 16.17 5.39
CA GLY C 141 17.34 14.94 5.74
C GLY C 141 16.71 14.32 4.49
N ASP C 142 16.40 15.16 3.50
CA ASP C 142 15.80 14.73 2.23
C ASP C 142 16.85 14.10 1.31
N SER C 143 18.13 14.23 1.67
CA SER C 143 19.21 13.71 0.84
C SER C 143 19.09 12.22 0.50
N GLY C 144 19.37 11.91 -0.76
CA GLY C 144 19.29 10.54 -1.24
C GLY C 144 17.88 10.16 -1.66
N GLY C 145 16.92 11.02 -1.35
CA GLY C 145 15.52 10.78 -1.67
C GLY C 145 15.17 10.84 -3.16
N SER C 146 14.02 10.26 -3.49
CA SER C 146 13.56 10.19 -4.88
C SER C 146 13.19 11.50 -5.57
N TRP C 147 13.53 11.57 -6.85
CA TRP C 147 13.14 12.69 -7.71
C TRP C 147 12.43 11.86 -8.79
N ILE C 148 11.16 12.18 -9.03
CA ILE C 148 10.36 11.41 -9.96
C ILE C 148 9.25 12.28 -10.56
N THR C 149 8.82 11.96 -11.79
CA THR C 149 7.75 12.72 -12.40
C THR C 149 6.44 12.18 -11.82
N SER C 150 5.39 12.99 -11.88
CA SER C 150 4.08 12.59 -11.36
C SER C 150 3.59 11.31 -12.03
N ALA C 151 3.99 11.09 -13.28
CA ALA C 151 3.57 9.90 -14.02
C ALA C 151 4.37 8.66 -13.68
N GLY C 152 5.36 8.81 -12.80
CA GLY C 152 6.13 7.66 -12.37
C GLY C 152 7.49 7.38 -12.98
N GLN C 153 8.10 8.34 -13.67
CA GLN C 153 9.40 8.09 -14.26
C GLN C 153 10.49 8.62 -13.32
N ALA C 154 11.25 7.69 -12.75
CA ALA C 154 12.31 8.00 -11.80
C ALA C 154 13.43 8.79 -12.46
N GLN C 155 13.77 9.93 -11.85
CA GLN C 155 14.80 10.82 -12.37
C GLN C 155 16.18 10.72 -11.71
N GLY C 156 16.19 10.59 -10.39
CA GLY C 156 17.47 10.50 -9.69
C GLY C 156 17.28 10.59 -8.18
N VAL C 157 18.39 10.80 -7.47
CA VAL C 157 18.37 10.89 -6.02
C VAL C 157 18.92 12.23 -5.53
N ALA C 158 18.28 12.80 -4.51
CA ALA C 158 18.67 14.10 -3.97
C ALA C 158 20.13 14.18 -3.53
N SER C 159 20.86 15.21 -3.99
CA SER C 159 22.28 15.38 -3.68
C SER C 159 22.58 16.55 -2.73
N GLY C 160 21.89 17.67 -2.93
CA GLY C 160 22.11 18.84 -2.09
C GLY C 160 21.33 20.04 -2.60
N GLY C 161 21.46 21.16 -1.92
CA GLY C 161 20.73 22.35 -2.37
C GLY C 161 21.04 23.54 -1.50
N ASN C 162 20.60 24.71 -1.93
CA ASN C 162 20.86 25.94 -1.18
C ASN C 162 19.84 26.19 -0.06
N VAL C 163 19.97 25.46 1.03
CA VAL C 163 19.05 25.62 2.15
C VAL C 163 19.41 26.79 3.05
N GLN C 164 18.41 27.30 3.76
CA GLN C 164 18.63 28.43 4.65
C GLN C 164 18.90 27.97 6.08
N SER C 165 18.92 28.91 7.02
CA SER C 165 19.19 28.57 8.42
C SER C 165 18.17 27.59 8.99
N ASN C 166 16.96 27.56 8.42
CA ASN C 166 15.92 26.66 8.89
C ASN C 166 16.10 25.24 8.37
N GLY C 167 17.16 25.03 7.60
CA GLY C 167 17.44 23.70 7.07
C GLY C 167 16.84 23.36 5.71
N ASN C 168 16.06 24.27 5.13
CA ASN C 168 15.44 23.98 3.84
C ASN C 168 15.38 25.22 2.96
N ASN C 169 14.96 25.04 1.70
CA ASN C 169 14.81 26.19 0.81
C ASN C 169 13.35 26.35 0.39
N CYS C 170 12.44 25.89 1.24
CA CYS C 170 11.01 26.00 0.96
C CYS C 170 10.50 27.41 1.29
N GLY C 171 11.29 28.14 2.07
CA GLY C 171 10.92 29.49 2.48
C GLY C 171 11.23 30.58 1.47
N ILE C 172 11.86 30.20 0.37
CA ILE C 172 12.19 31.16 -0.68
C ILE C 172 11.48 30.72 -1.95
N PRO C 173 11.17 31.68 -2.84
CA PRO C 173 10.48 31.33 -4.09
C PRO C 173 11.23 30.34 -4.95
N ALA C 174 10.49 29.58 -5.75
CA ALA C 174 11.08 28.59 -6.64
C ALA C 174 12.15 29.23 -7.54
N SER C 175 11.94 30.48 -7.92
CA SER C 175 12.90 31.19 -8.77
C SER C 175 14.28 31.30 -8.15
N GLN C 176 14.36 31.18 -6.83
CA GLN C 176 15.63 31.30 -6.12
C GLN C 176 16.17 29.97 -5.61
N ARG C 177 15.48 28.89 -5.94
CA ARG C 177 15.89 27.57 -5.45
C ARG C 177 16.86 26.82 -6.33
N SER C 178 17.81 26.16 -5.67
CA SER C 178 18.79 25.34 -6.35
C SER C 178 18.75 24.02 -5.59
N SER C 179 17.94 23.10 -6.10
CA SER C 179 17.79 21.78 -5.50
C SER C 179 18.39 20.79 -6.50
N LEU C 180 19.47 20.13 -6.09
CA LEU C 180 20.19 19.22 -6.98
C LEU C 180 20.01 17.74 -6.75
N PHE C 181 20.07 16.98 -7.84
CA PHE C 181 19.97 15.54 -7.75
C PHE C 181 20.91 14.83 -8.71
N GLU C 182 21.33 13.63 -8.32
CA GLU C 182 22.21 12.79 -9.12
C GLU C 182 21.34 11.94 -10.04
N ARG C 183 21.62 11.99 -11.34
CA ARG C 183 20.84 11.23 -12.31
C ARG C 183 20.82 9.74 -12.01
N LEU C 184 19.66 9.12 -12.17
CA LEU C 184 19.49 7.70 -11.87
C LEU C 184 20.16 6.69 -12.80
N GLN C 185 20.00 6.86 -14.11
CA GLN C 185 20.57 5.89 -15.04
C GLN C 185 22.05 5.55 -14.83
N PRO C 186 22.91 6.58 -14.66
CA PRO C 186 24.33 6.26 -14.45
C PRO C 186 24.59 5.39 -13.21
N ILE C 187 23.77 5.55 -12.18
CA ILE C 187 23.92 4.74 -10.96
C ILE C 187 23.56 3.29 -11.30
N LEU C 188 22.39 3.09 -11.90
CA LEU C 188 21.93 1.76 -12.27
C LEU C 188 22.94 1.07 -13.17
N SER C 189 23.52 1.82 -14.10
CA SER C 189 24.48 1.26 -15.03
C SER C 189 25.82 0.90 -14.38
N GLN C 190 26.37 1.82 -13.59
CA GLN C 190 27.64 1.53 -12.95
C GLN C 190 27.61 0.30 -12.05
N TYR C 191 26.50 0.12 -11.34
CA TYR C 191 26.40 -1.00 -10.41
C TYR C 191 25.62 -2.23 -10.91
N GLY C 192 25.20 -2.21 -12.17
CA GLY C 192 24.48 -3.34 -12.73
C GLY C 192 23.16 -3.59 -12.02
N LEU C 193 22.47 -2.50 -11.69
CA LEU C 193 21.20 -2.59 -10.99
C LEU C 193 19.98 -2.46 -11.89
N SER C 194 18.88 -3.07 -11.44
CA SER C 194 17.61 -3.01 -12.17
C SER C 194 16.58 -2.28 -11.30
N LEU C 195 15.90 -1.29 -11.86
CA LEU C 195 14.89 -0.54 -11.11
C LEU C 195 13.62 -1.39 -10.94
N VAL C 196 13.10 -1.42 -9.72
CA VAL C 196 11.88 -2.18 -9.44
C VAL C 196 10.71 -1.29 -9.89
N THR C 197 9.90 -1.80 -10.80
CA THR C 197 8.77 -1.03 -11.30
C THR C 197 7.45 -1.74 -11.05
N GLY C 198 6.34 -1.03 -11.28
CA GLY C 198 5.03 -1.61 -11.06
C GLY C 198 3.98 -1.04 -11.98
N GLN D 3 -9.11 10.09 -20.93
CA GLN D 3 -8.05 9.27 -21.58
C GLN D 3 -6.90 9.00 -20.62
N VAL D 4 -6.38 10.06 -20.02
CA VAL D 4 -5.28 9.95 -19.06
C VAL D 4 -5.81 9.45 -17.72
N ASP D 5 -4.97 8.72 -16.99
CA ASP D 5 -5.33 8.18 -15.69
C ASP D 5 -5.88 9.30 -14.79
N PRO D 6 -7.08 9.11 -14.21
CA PRO D 6 -7.70 10.11 -13.34
C PRO D 6 -6.77 10.63 -12.24
N GLN D 7 -6.03 9.72 -11.60
CA GLN D 7 -5.14 10.12 -10.53
C GLN D 7 -4.05 11.07 -11.01
N LEU D 8 -3.58 10.86 -12.24
CA LEU D 8 -2.54 11.71 -12.80
C LEU D 8 -3.12 13.10 -13.08
N LYS D 9 -4.36 13.11 -13.54
CA LYS D 9 -5.05 14.36 -13.83
C LYS D 9 -5.16 15.18 -12.55
N PHE D 10 -5.60 14.51 -11.48
CA PHE D 10 -5.75 15.17 -10.18
C PHE D 10 -4.41 15.68 -9.66
N ALA D 11 -3.39 14.83 -9.74
CA ALA D 11 -2.04 15.16 -9.28
C ALA D 11 -1.42 16.32 -10.03
N MET D 12 -1.54 16.30 -11.35
CA MET D 12 -0.98 17.37 -12.18
C MET D 12 -1.65 18.72 -11.89
N GLN D 13 -2.95 18.70 -11.68
CA GLN D 13 -3.65 19.95 -11.38
C GLN D 13 -3.30 20.46 -9.99
N ARG D 14 -3.35 19.57 -9.01
N ARG D 14 -3.35 19.57 -9.01
CA ARG D 14 -3.08 19.95 -7.62
CA ARG D 14 -3.08 19.91 -7.62
C ARG D 14 -1.60 20.24 -7.32
C ARG D 14 -1.62 20.22 -7.32
N ASP D 15 -0.72 19.40 -7.84
CA ASP D 15 0.71 19.59 -7.59
C ASP D 15 1.46 20.51 -8.53
N LEU D 16 1.01 20.62 -9.78
CA LEU D 16 1.73 21.44 -10.75
C LEU D 16 0.96 22.55 -11.45
N GLY D 17 -0.32 22.69 -11.14
CA GLY D 17 -1.10 23.72 -11.79
C GLY D 17 -1.32 23.46 -13.27
N ILE D 18 -1.28 22.18 -13.66
CA ILE D 18 -1.52 21.81 -15.06
C ILE D 18 -2.91 21.17 -15.05
N PHE D 19 -3.89 21.92 -15.53
CA PHE D 19 -5.29 21.48 -15.54
C PHE D 19 -5.61 20.48 -16.65
N PRO D 20 -6.72 19.74 -16.49
CA PRO D 20 -7.16 18.73 -17.47
C PRO D 20 -7.11 19.18 -18.92
N THR D 21 -7.60 20.37 -19.19
CA THR D 21 -7.63 20.90 -20.55
C THR D 21 -6.22 21.20 -21.09
N GLN D 22 -5.25 21.28 -20.19
CA GLN D 22 -3.87 21.56 -20.59
C GLN D 22 -2.97 20.32 -20.57
N LEU D 23 -3.41 19.26 -19.89
CA LEU D 23 -2.59 18.05 -19.76
C LEU D 23 -2.17 17.32 -21.03
N PRO D 24 -3.10 17.00 -21.93
CA PRO D 24 -2.65 16.30 -23.14
C PRO D 24 -1.55 17.04 -23.89
N GLN D 25 -1.72 18.35 -24.06
CA GLN D 25 -0.73 19.15 -24.77
C GLN D 25 0.58 19.23 -24.00
N TYR D 26 0.52 19.22 -22.67
CA TYR D 26 1.75 19.26 -21.89
C TYR D 26 2.49 17.93 -22.07
N LEU D 27 1.77 16.83 -21.94
CA LEU D 27 2.40 15.53 -22.10
C LEU D 27 3.01 15.36 -23.50
N GLN D 28 2.35 15.91 -24.51
CA GLN D 28 2.86 15.82 -25.87
C GLN D 28 4.18 16.60 -25.96
N THR D 29 4.18 17.79 -25.38
CA THR D 29 5.38 18.63 -25.38
C THR D 29 6.51 17.95 -24.62
N GLU D 30 6.20 17.42 -23.43
CA GLU D 30 7.19 16.75 -22.61
C GLU D 30 7.83 15.58 -23.37
N LYS D 31 7.02 14.80 -24.08
CA LYS D 31 7.55 13.68 -24.83
C LYS D 31 8.44 14.13 -25.99
N LEU D 32 7.97 15.08 -26.77
CA LEU D 32 8.75 15.56 -27.90
C LEU D 32 10.05 16.22 -27.46
N ALA D 33 10.05 16.87 -26.29
CA ALA D 33 11.25 17.52 -25.80
C ALA D 33 12.37 16.51 -25.56
N ARG D 34 12.02 15.27 -25.26
N ARG D 34 12.00 15.27 -25.25
CA ARG D 34 13.07 14.27 -25.06
CA ARG D 34 13.01 14.24 -25.02
C ARG D 34 13.32 13.47 -26.33
C ARG D 34 13.29 13.42 -26.27
N THR D 35 12.26 13.13 -27.06
CA THR D 35 12.42 12.33 -28.27
C THR D 35 12.96 13.09 -29.49
N GLN D 36 12.90 14.42 -29.46
CA GLN D 36 13.36 15.20 -30.61
C GLN D 36 14.60 16.04 -30.29
N ALA D 37 15.11 15.89 -29.08
CA ALA D 37 16.28 16.63 -28.65
C ALA D 37 17.50 16.41 -29.55
N ALA D 38 17.82 15.14 -29.83
CA ALA D 38 18.96 14.81 -30.68
C ALA D 38 18.76 15.28 -32.11
N ALA D 39 17.52 15.18 -32.59
CA ALA D 39 17.20 15.60 -33.95
C ALA D 39 17.48 17.10 -34.13
N ILE D 40 17.03 17.90 -33.17
CA ILE D 40 17.24 19.34 -33.23
C ILE D 40 18.73 19.66 -33.16
N GLU D 41 19.46 18.94 -32.30
CA GLU D 41 20.89 19.18 -32.16
C GLU D 41 21.63 18.85 -33.45
N ARG D 42 21.25 17.76 -34.10
CA ARG D 42 21.90 17.36 -35.35
C ARG D 42 21.55 18.34 -36.46
N GLU D 43 20.30 18.79 -36.47
CA GLU D 43 19.83 19.73 -37.49
C GLU D 43 20.51 21.09 -37.42
N PHE D 44 20.72 21.59 -36.20
CA PHE D 44 21.35 22.89 -36.01
C PHE D 44 22.87 22.85 -36.10
N GLY D 45 23.43 21.65 -36.13
CA GLY D 45 24.86 21.49 -36.22
C GLY D 45 25.70 22.21 -35.19
N ALA D 46 26.85 22.72 -35.61
CA ALA D 46 27.78 23.43 -34.73
C ALA D 46 27.17 24.68 -34.10
N GLN D 47 26.06 25.15 -34.66
CA GLN D 47 25.41 26.35 -34.15
C GLN D 47 24.31 26.07 -33.14
N PHE D 48 24.11 24.79 -32.81
CA PHE D 48 23.09 24.40 -31.85
C PHE D 48 23.37 25.08 -30.52
N ALA D 49 22.33 25.57 -29.86
CA ALA D 49 22.52 26.24 -28.59
C ALA D 49 21.58 25.76 -27.48
N GLY D 50 21.13 24.51 -27.60
CA GLY D 50 20.27 23.91 -26.58
C GLY D 50 18.78 23.90 -26.86
N SER D 51 18.05 23.11 -26.10
CA SER D 51 16.60 23.03 -26.24
C SER D 51 15.98 22.81 -24.86
N TRP D 52 14.76 23.27 -24.68
CA TRP D 52 14.08 23.13 -23.39
C TRP D 52 12.58 23.33 -23.53
N ILE D 53 11.85 22.97 -22.48
CA ILE D 53 10.40 23.14 -22.47
C ILE D 53 10.10 24.48 -21.78
N GLU D 54 9.14 25.22 -22.30
CA GLU D 54 8.74 26.50 -21.72
C GLU D 54 7.22 26.54 -21.66
N ARG D 55 6.68 27.21 -20.64
CA ARG D 55 5.23 27.32 -20.53
C ARG D 55 4.77 28.58 -21.27
N ASN D 56 3.90 28.40 -22.27
CA ASN D 56 3.38 29.52 -23.07
C ASN D 56 2.56 30.45 -22.21
N GLU D 57 2.28 31.65 -22.70
CA GLU D 57 1.50 32.63 -21.95
C GLU D 57 0.06 32.19 -21.73
N ASP D 58 -0.48 31.37 -22.63
CA ASP D 58 -1.85 30.92 -22.48
C ASP D 58 -1.95 29.68 -21.58
N GLY D 59 -0.84 29.32 -20.94
CA GLY D 59 -0.83 28.18 -20.05
C GLY D 59 -0.39 26.89 -20.74
N SER D 60 -0.35 26.93 -22.06
CA SER D 60 0.07 25.76 -22.83
C SER D 60 1.59 25.68 -22.74
N PHE D 61 2.17 24.69 -23.39
CA PHE D 61 3.61 24.51 -23.36
C PHE D 61 4.18 24.48 -24.77
N LYS D 62 5.50 24.62 -24.87
CA LYS D 62 6.16 24.59 -26.16
C LYS D 62 7.59 24.14 -26.04
N LEU D 63 8.10 23.57 -27.12
CA LEU D 63 9.48 23.10 -27.18
C LEU D 63 10.27 24.21 -27.86
N VAL D 64 11.26 24.74 -27.14
CA VAL D 64 12.10 25.81 -27.66
C VAL D 64 13.51 25.29 -27.95
N ALA D 65 14.09 25.76 -29.05
CA ALA D 65 15.44 25.35 -29.45
C ALA D 65 16.20 26.62 -29.83
N ALA D 66 17.43 26.74 -29.37
CA ALA D 66 18.22 27.92 -29.67
C ALA D 66 19.34 27.63 -30.67
N THR D 67 19.71 28.65 -31.43
CA THR D 67 20.77 28.53 -32.41
C THR D 67 21.57 29.83 -32.47
N SER D 68 22.88 29.71 -32.62
CA SER D 68 23.72 30.90 -32.71
C SER D 68 23.77 31.32 -34.17
N GLY D 69 23.00 30.59 -34.99
CA GLY D 69 22.93 30.88 -36.41
C GLY D 69 21.76 31.78 -36.75
N ALA D 70 21.44 31.85 -38.03
CA ALA D 70 20.35 32.71 -38.48
C ALA D 70 19.03 31.97 -38.69
N ARG D 71 19.09 30.64 -38.74
CA ARG D 71 17.89 29.83 -38.94
C ARG D 71 16.71 30.32 -38.09
N LYS D 72 15.50 30.24 -38.67
CA LYS D 72 14.30 30.68 -37.98
C LYS D 72 13.28 29.56 -37.78
N SER D 73 13.57 28.38 -38.32
CA SER D 73 12.66 27.26 -38.18
C SER D 73 13.36 25.90 -38.21
N SER D 74 12.64 24.87 -37.78
CA SER D 74 13.18 23.51 -37.76
C SER D 74 12.36 22.61 -38.67
N THR D 75 13.01 21.63 -39.30
CA THR D 75 12.33 20.70 -40.19
C THR D 75 11.37 19.79 -39.44
N LEU D 76 11.42 19.87 -38.11
CA LEU D 76 10.55 19.05 -37.26
C LEU D 76 9.19 19.70 -37.08
N GLY D 77 9.18 21.03 -37.03
CA GLY D 77 7.93 21.75 -36.84
C GLY D 77 7.54 21.75 -35.38
N GLY D 78 6.69 22.69 -34.99
CA GLY D 78 6.25 22.76 -33.61
C GLY D 78 7.36 23.18 -32.65
N VAL D 79 8.50 23.55 -33.21
CA VAL D 79 9.62 23.99 -32.39
C VAL D 79 9.87 25.48 -32.57
N GLU D 80 9.86 26.20 -31.46
CA GLU D 80 10.11 27.64 -31.52
C GLU D 80 11.63 27.81 -31.51
N VAL D 81 12.16 28.47 -32.54
CA VAL D 81 13.60 28.67 -32.66
C VAL D 81 14.02 30.04 -32.14
N ARG D 82 15.02 30.06 -31.27
CA ARG D 82 15.53 31.30 -30.71
C ARG D 82 16.96 31.54 -31.18
N ASN D 83 17.20 32.74 -31.71
CA ASN D 83 18.52 33.10 -32.20
C ASN D 83 19.32 33.72 -31.05
N VAL D 84 20.44 33.09 -30.72
CA VAL D 84 21.28 33.58 -29.63
C VAL D 84 22.68 33.91 -30.09
N ARG D 85 23.46 34.51 -29.20
CA ARG D 85 24.83 34.90 -29.52
C ARG D 85 25.86 33.77 -29.53
N TYR D 86 25.87 32.96 -28.48
CA TYR D 86 26.83 31.88 -28.39
C TYR D 86 26.23 30.50 -28.65
N SER D 87 27.07 29.61 -29.16
CA SER D 87 26.66 28.23 -29.45
C SER D 87 26.88 27.40 -28.19
N LEU D 88 26.32 26.20 -28.16
CA LEU D 88 26.47 25.33 -27.02
C LEU D 88 27.94 24.95 -26.85
N LYS D 89 28.62 24.72 -27.96
CA LYS D 89 30.04 24.36 -27.93
C LYS D 89 30.85 25.44 -27.24
N GLN D 90 30.51 26.70 -27.52
CA GLN D 90 31.21 27.83 -26.92
C GLN D 90 30.98 27.85 -25.40
N LEU D 91 29.72 27.72 -25.00
CA LEU D 91 29.37 27.72 -23.58
C LEU D 91 29.98 26.52 -22.86
N GLN D 92 30.02 25.37 -23.53
CA GLN D 92 30.59 24.17 -22.94
C GLN D 92 32.08 24.38 -22.70
N SER D 93 32.71 25.15 -23.58
CA SER D 93 34.14 25.44 -23.45
C SER D 93 34.38 26.25 -22.19
N ALA D 94 33.53 27.25 -21.96
CA ALA D 94 33.65 28.10 -20.77
C ALA D 94 33.39 27.26 -19.53
N MET D 95 32.42 26.37 -19.61
CA MET D 95 32.07 25.48 -18.50
C MET D 95 33.28 24.64 -18.13
N GLU D 96 33.94 24.08 -19.15
CA GLU D 96 35.11 23.26 -18.91
C GLU D 96 36.22 24.06 -18.23
N GLN D 97 36.36 25.33 -18.59
CA GLN D 97 37.40 26.16 -17.98
C GLN D 97 37.12 26.37 -16.50
N LEU D 98 35.84 26.52 -16.15
CA LEU D 98 35.48 26.71 -14.75
C LEU D 98 35.72 25.42 -13.98
N ASP D 99 35.35 24.29 -14.58
CA ASP D 99 35.55 22.99 -13.92
C ASP D 99 37.04 22.83 -13.65
N ALA D 100 37.86 23.19 -14.64
CA ALA D 100 39.31 23.09 -14.53
C ALA D 100 39.86 24.03 -13.46
N GLY D 101 39.26 25.23 -13.38
CA GLY D 101 39.70 26.20 -12.39
C GLY D 101 39.49 25.71 -10.98
N ALA D 102 38.35 25.07 -10.73
CA ALA D 102 38.02 24.55 -9.42
C ALA D 102 38.83 23.30 -9.10
N ASN D 103 39.18 22.55 -10.14
CA ASN D 103 39.96 21.32 -9.96
C ASN D 103 41.43 21.62 -9.72
N LEU D 113 37.24 27.79 -2.91
CA LEU D 113 36.25 28.59 -3.67
C LEU D 113 35.08 28.99 -2.78
N ASP D 114 35.39 29.46 -1.58
CA ASP D 114 34.37 29.87 -0.63
C ASP D 114 33.46 30.93 -1.24
N GLY D 115 32.16 30.74 -1.09
CA GLY D 115 31.21 31.71 -1.62
C GLY D 115 30.59 31.29 -2.94
N VAL D 116 31.26 30.40 -3.68
CA VAL D 116 30.72 29.94 -4.95
C VAL D 116 29.88 28.69 -4.71
N GLN D 117 28.64 28.71 -5.17
CA GLN D 117 27.75 27.57 -4.98
C GLN D 117 27.85 26.51 -6.08
N SER D 118 27.66 26.94 -7.33
CA SER D 118 27.65 26.01 -8.45
C SER D 118 27.76 26.74 -9.79
N TRP D 119 27.96 25.97 -10.85
CA TRP D 119 28.02 26.55 -12.19
C TRP D 119 27.48 25.54 -13.19
N TYR D 120 26.91 26.04 -14.29
CA TYR D 120 26.34 25.18 -15.30
C TYR D 120 25.98 25.92 -16.58
N VAL D 121 26.02 25.22 -17.70
CA VAL D 121 25.63 25.82 -18.96
C VAL D 121 24.11 25.98 -18.85
N ASP D 122 23.60 27.17 -19.18
CA ASP D 122 22.17 27.44 -19.08
C ASP D 122 21.66 27.96 -20.43
N PRO D 123 21.25 27.04 -21.31
CA PRO D 123 20.75 27.42 -22.65
C PRO D 123 19.66 28.49 -22.64
N ARG D 124 18.73 28.39 -21.70
CA ARG D 124 17.63 29.36 -21.62
C ARG D 124 18.10 30.82 -21.51
N SER D 125 19.28 31.04 -20.96
CA SER D 125 19.80 32.41 -20.83
C SER D 125 21.08 32.59 -21.66
N ASN D 126 21.37 31.61 -22.50
CA ASN D 126 22.55 31.59 -23.37
C ASN D 126 23.83 31.97 -22.63
N ALA D 127 24.08 31.33 -21.50
CA ALA D 127 25.27 31.64 -20.72
C ALA D 127 25.62 30.54 -19.73
N VAL D 128 26.83 30.60 -19.19
CA VAL D 128 27.24 29.66 -18.17
C VAL D 128 26.90 30.42 -16.90
N VAL D 129 26.03 29.84 -16.08
CA VAL D 129 25.64 30.51 -14.84
C VAL D 129 26.54 30.11 -13.69
N VAL D 130 26.94 31.09 -12.89
CA VAL D 130 27.76 30.84 -11.72
C VAL D 130 26.94 31.38 -10.54
N LYS D 131 26.44 30.49 -9.70
CA LYS D 131 25.66 30.91 -8.54
C LYS D 131 26.58 31.08 -7.36
N VAL D 132 26.41 32.19 -6.65
CA VAL D 132 27.23 32.50 -5.48
C VAL D 132 26.35 32.85 -4.28
N ASP D 133 26.89 32.66 -3.09
CA ASP D 133 26.17 33.00 -1.85
C ASP D 133 25.89 34.49 -1.90
N ASP D 134 24.88 34.92 -1.13
CA ASP D 134 24.56 36.34 -1.10
C ASP D 134 25.80 37.06 -0.57
N GLY D 135 26.24 38.10 -1.29
CA GLY D 135 27.40 38.85 -0.86
C GLY D 135 28.75 38.31 -1.33
N ALA D 136 28.73 37.23 -2.10
CA ALA D 136 29.96 36.62 -2.59
C ALA D 136 30.15 36.81 -4.09
N THR D 137 29.55 37.85 -4.65
CA THR D 137 29.66 38.14 -6.08
C THR D 137 31.13 38.28 -6.49
N ASP D 138 31.92 38.95 -5.65
CA ASP D 138 33.33 39.17 -5.94
C ASP D 138 34.09 37.84 -6.01
N ALA D 139 33.67 36.89 -5.18
CA ALA D 139 34.31 35.57 -5.16
C ALA D 139 34.06 34.91 -6.52
N GLY D 140 32.87 35.13 -7.06
CA GLY D 140 32.54 34.56 -8.36
C GLY D 140 33.35 35.19 -9.47
N VAL D 141 33.50 36.51 -9.40
CA VAL D 141 34.28 37.23 -10.41
C VAL D 141 35.72 36.72 -10.43
N ASP D 142 36.31 36.57 -9.24
CA ASP D 142 37.69 36.10 -9.12
C ASP D 142 37.82 34.70 -9.74
N PHE D 143 36.83 33.86 -9.45
CA PHE D 143 36.80 32.49 -9.95
C PHE D 143 36.74 32.45 -11.48
N VAL D 144 35.84 33.24 -12.05
CA VAL D 144 35.66 33.28 -13.49
C VAL D 144 36.89 33.85 -14.20
N ALA D 145 37.43 34.93 -13.66
CA ALA D 145 38.60 35.55 -14.26
C ALA D 145 39.84 34.66 -14.14
N LEU D 146 40.01 34.01 -13.01
CA LEU D 146 41.16 33.13 -12.80
C LEU D 146 41.10 31.91 -13.72
N SER D 147 39.87 31.50 -14.06
N SER D 147 39.88 31.50 -14.07
CA SER D 147 39.67 30.34 -14.93
CA SER D 147 39.70 30.34 -14.93
C SER D 147 40.02 30.67 -16.38
C SER D 147 40.00 30.67 -16.39
N GLY D 148 40.10 31.96 -16.69
CA GLY D 148 40.41 32.39 -18.04
C GLY D 148 39.22 32.31 -18.98
N ALA D 149 38.03 32.06 -18.44
CA ALA D 149 36.83 31.97 -19.26
C ALA D 149 36.39 33.35 -19.75
N ASP D 150 35.73 33.36 -20.90
CA ASP D 150 35.24 34.60 -21.50
C ASP D 150 34.08 35.10 -20.64
N SER D 151 34.33 36.15 -19.87
CA SER D 151 33.32 36.72 -18.98
C SER D 151 32.01 37.07 -19.67
N ALA D 152 32.06 37.29 -20.98
CA ALA D 152 30.86 37.64 -21.74
C ALA D 152 29.91 36.45 -21.87
N GLN D 153 30.45 35.25 -21.67
CA GLN D 153 29.65 34.04 -21.77
C GLN D 153 29.23 33.52 -20.40
N VAL D 154 29.56 34.28 -19.35
CA VAL D 154 29.24 33.88 -17.98
C VAL D 154 28.37 34.91 -17.26
N ARG D 155 27.40 34.41 -16.51
CA ARG D 155 26.51 35.28 -15.75
C ARG D 155 26.56 34.84 -14.29
N ILE D 156 27.02 35.74 -13.43
CA ILE D 156 27.11 35.45 -12.01
C ILE D 156 25.76 35.84 -11.42
N GLU D 157 25.17 34.94 -10.65
CA GLU D 157 23.85 35.14 -10.06
C GLU D 157 23.88 34.87 -8.55
N SER D 158 23.39 35.82 -7.75
CA SER D 158 23.37 35.63 -6.31
C SER D 158 22.28 34.62 -5.98
N SER D 159 22.57 33.74 -5.03
CA SER D 159 21.63 32.69 -4.63
C SER D 159 21.57 32.62 -3.11
N PRO D 160 20.36 32.59 -2.53
CA PRO D 160 20.23 32.52 -1.06
C PRO D 160 20.73 31.20 -0.48
N GLY D 161 20.89 31.17 0.83
CA GLY D 161 21.34 29.95 1.49
C GLY D 161 22.76 29.54 1.19
N LYS D 162 23.10 28.29 1.51
CA LYS D 162 24.42 27.76 1.27
C LYS D 162 24.34 26.29 0.86
N LEU D 163 25.23 25.88 -0.04
CA LEU D 163 25.29 24.50 -0.52
C LEU D 163 26.21 23.70 0.40
#